data_4JHZ
#
_entry.id   4JHZ
#
_cell.length_a   168.305
_cell.length_b   77.408
_cell.length_c   126.291
_cell.angle_alpha   90.00
_cell.angle_beta   124.84
_cell.angle_gamma   90.00
#
_symmetry.space_group_name_H-M   'C 1 2 1'
#
loop_
_entity.id
_entity.type
_entity.pdbx_description
1 polymer Beta-glucuronidase
2 non-polymer 2-[4-(1,3-benzodioxol-5-ylmethyl)piperazin-1-yl]-N-[(1S,2S,5S)-2,5-dimethoxycyclohexyl]acetamide
3 water water
#
_entity_poly.entity_id   1
_entity_poly.type   'polypeptide(L)'
_entity_poly.pdbx_seq_one_letter_code
;SH(MSE)LRPVETPTREIKKLDGLWAFSLDRENCGIDQRWWESALQESRAIAVPGSFNDQFADADIRNYAGNVWYQREVF
IPKGWAGQRIVLRFDAVTHYGKVWVNNQEV(MSE)EHQGGYTPFEADVTPYVIAGKSVRITVCVNNELNWQTIPPG
(MSE)VITDENGKKKQSYFHDFFNYAGIHRSV(MSE)LYTTPNTWVDDITVVTHVAQDCNHASVDWQVVANGDVSVELRD
ADQQVVATGQGTSGTLQVVNPHLWQPGEGYLYELCVTAKSQTECDIYPLRVGIRSVAVKGEQFLINHKPFYFTGFGRHED
ADLRGKGFDNVL(MSE)VHDHAL(MSE)DWIGANSYRTSHYPYAEE(MSE)LDWADEHGIVVIDETAAVGFNLSLGIGFE
AGNKPKELYSEEAVNGETQQAHLQAIKELIARDKNHPSVV(MSE)WSIANEPDTRPQGAREYFAPLAEATRKLDPTRPIT
CVNV(MSE)FCDAHTDTISDLFDVLCLNRYYGWYVQSGDLETAEKVLEKELLAWQEKLHQPIIITEYGVDTLAGLHS
(MSE)YTD(MSE)WSEEYQCAWLD(MSE)YHRVFDRVSAVVGEQVWNFADFATSQGILRVGGNKKGIFTRDRKPKSAAFL
LQKRWTG(MSE)NFGEKPQQGG
;
_entity_poly.pdbx_strand_id   A,B
#
loop_
_chem_comp.id
_chem_comp.type
_chem_comp.name
_chem_comp.formula
1KV non-polymer 2-[4-(1,3-benzodioxol-5-ylmethyl)piperazin-1-yl]-N-[(1S,2S,5S)-2,5-dimethoxycyclohexyl]acetamide 'C22 H33 N3 O5'
#
# COMPACT_ATOMS: atom_id res chain seq x y z
N SER A 1 -25.01 18.42 1.14
CA SER A 1 -23.89 19.32 1.30
C SER A 1 -23.17 19.57 -0.02
N HIS A 2 -22.32 20.58 -0.04
CA HIS A 2 -21.49 20.85 -1.21
C HIS A 2 -20.14 20.17 -1.02
N MSE A 3 -19.63 19.57 -2.09
CA MSE A 3 -18.42 18.76 -1.99
C MSE A 3 -17.44 19.01 -3.13
O MSE A 3 -17.75 18.76 -4.29
CB MSE A 3 -18.80 17.27 -1.95
CG MSE A 3 -19.49 16.83 -0.68
SE MSE A 3 -18.23 16.61 0.78
CE MSE A 3 -16.93 15.54 -0.19
N LEU A 4 -16.26 19.51 -2.79
CA LEU A 4 -15.17 19.66 -3.74
C LEU A 4 -13.92 18.98 -3.22
N ARG A 5 -13.21 18.28 -4.09
CA ARG A 5 -11.98 17.58 -3.70
C ARG A 5 -10.85 18.59 -3.53
N PRO A 6 -10.21 18.59 -2.35
CA PRO A 6 -9.15 19.54 -1.98
C PRO A 6 -8.00 19.64 -2.97
N VAL A 7 -7.48 20.85 -3.16
CA VAL A 7 -6.32 21.11 -4.03
C VAL A 7 -5.41 22.07 -3.27
N GLU A 8 -4.54 22.81 -3.96
CA GLU A 8 -3.39 23.38 -3.26
C GLU A 8 -3.02 24.88 -3.39
N THR A 9 -3.55 25.61 -4.37
CA THR A 9 -3.07 26.99 -4.60
C THR A 9 -3.17 27.93 -3.37
N PRO A 10 -4.38 28.28 -2.88
CA PRO A 10 -4.28 28.93 -1.57
C PRO A 10 -4.86 28.02 -0.49
N THR A 11 -5.13 26.79 -0.90
CA THR A 11 -5.69 25.77 -0.04
C THR A 11 -4.53 24.86 0.28
N ARG A 12 -4.43 24.39 1.52
CA ARG A 12 -3.33 23.50 1.85
C ARG A 12 -3.73 22.43 2.83
N GLU A 13 -3.50 21.19 2.43
CA GLU A 13 -3.83 20.07 3.26
C GLU A 13 -2.57 19.40 3.79
N ILE A 14 -2.70 18.84 4.98
CA ILE A 14 -1.67 17.96 5.48
C ILE A 14 -2.32 16.59 5.49
N LYS A 15 -1.80 15.68 4.68
CA LYS A 15 -2.37 14.34 4.69
C LYS A 15 -1.99 13.69 6.00
N LYS A 16 -2.97 13.52 6.82
CA LYS A 16 -2.85 12.71 8.00
C LYS A 16 -3.32 11.32 7.69
N LEU A 17 -3.26 10.99 6.41
CA LEU A 17 -3.49 9.68 5.84
C LEU A 17 -2.48 8.73 6.39
N ASP A 18 -1.43 9.25 7.01
CA ASP A 18 -0.29 8.50 7.43
C ASP A 18 -0.83 7.39 8.27
N GLY A 19 -0.27 6.23 8.12
CA GLY A 19 -0.94 5.02 8.46
C GLY A 19 -1.25 4.73 9.86
N LEU A 20 -0.35 4.96 10.77
CA LEU A 20 -0.53 4.34 12.07
C LEU A 20 -1.46 5.12 12.94
N TRP A 21 -2.47 4.43 13.45
CA TRP A 21 -3.47 4.97 14.32
C TRP A 21 -3.65 3.93 15.33
N ALA A 22 -4.28 4.27 16.45
CA ALA A 22 -4.60 3.32 17.51
C ALA A 22 -5.93 2.66 17.23
N PHE A 23 -6.00 1.35 17.40
CA PHE A 23 -7.21 0.61 17.10
C PHE A 23 -7.72 -0.19 18.30
N SER A 24 -9.03 -0.30 18.42
CA SER A 24 -9.63 -1.05 19.51
C SER A 24 -11.02 -1.55 19.14
N LEU A 25 -11.35 -2.74 19.63
CA LEU A 25 -12.67 -3.30 19.43
C LEU A 25 -13.55 -2.93 20.62
N ASP A 26 -14.84 -2.72 20.36
CA ASP A 26 -15.78 -2.41 21.42
C ASP A 26 -16.82 -3.51 21.51
N ARG A 27 -16.37 -4.70 21.88
CA ARG A 27 -17.22 -5.89 21.90
C ARG A 27 -18.41 -5.74 22.84
N GLU A 28 -18.22 -5.01 23.94
CA GLU A 28 -19.26 -4.86 24.94
C GLU A 28 -20.07 -3.58 24.72
N ASN A 29 -19.62 -2.75 23.78
CA ASN A 29 -20.32 -1.51 23.41
C ASN A 29 -20.35 -0.51 24.56
N CYS A 30 -19.18 -0.30 25.17
CA CYS A 30 -19.05 0.67 26.27
C CYS A 30 -18.66 2.05 25.76
N GLY A 31 -17.86 2.07 24.70
CA GLY A 31 -17.23 3.28 24.17
C GLY A 31 -18.01 4.58 24.22
N ILE A 32 -19.26 4.54 23.77
CA ILE A 32 -20.08 5.75 23.72
C ILE A 32 -20.54 6.16 25.12
N ASP A 33 -20.79 5.17 25.97
CA ASP A 33 -21.16 5.45 27.35
C ASP A 33 -19.99 6.03 28.13
N GLN A 34 -18.84 5.37 28.03
CA GLN A 34 -17.68 5.74 28.81
C GLN A 34 -16.83 6.81 28.14
N ARG A 35 -17.36 7.42 27.09
CA ARG A 35 -16.74 8.57 26.44
C ARG A 35 -15.25 8.38 26.12
N TRP A 36 -14.96 7.35 25.34
CA TRP A 36 -13.58 6.94 25.05
C TRP A 36 -12.75 8.01 24.34
N TRP A 37 -13.42 9.01 23.76
CA TRP A 37 -12.71 10.07 23.06
C TRP A 37 -12.11 11.09 24.04
N GLU A 38 -12.46 10.97 25.32
CA GLU A 38 -11.94 11.87 26.33
C GLU A 38 -10.48 11.54 26.65
N SER A 39 -10.20 10.25 26.76
CA SER A 39 -8.85 9.77 27.05
C SER A 39 -8.26 9.01 25.86
N ALA A 40 -7.00 8.62 26.00
CA ALA A 40 -6.38 7.78 24.98
C ALA A 40 -7.01 6.40 25.02
N LEU A 41 -7.25 5.82 23.85
CA LEU A 41 -7.82 4.48 23.74
C LEU A 41 -7.06 3.49 24.60
N GLN A 42 -7.79 2.79 25.46
CA GLN A 42 -7.20 1.78 26.32
C GLN A 42 -7.20 0.44 25.61
N GLU A 43 -6.14 -0.34 25.84
CA GLU A 43 -5.93 -1.62 25.18
C GLU A 43 -6.04 -1.52 23.66
N SER A 44 -5.13 -0.76 23.05
CA SER A 44 -5.15 -0.54 21.61
C SER A 44 -3.94 -1.14 20.90
N ARG A 45 -4.02 -1.26 19.58
CA ARG A 45 -2.91 -1.74 18.76
C ARG A 45 -2.82 -0.94 17.48
N ALA A 46 -1.66 -0.97 16.84
CA ALA A 46 -1.45 -0.20 15.62
C ALA A 46 -2.24 -0.78 14.45
N ILE A 47 -2.80 0.11 13.63
CA ILE A 47 -3.55 -0.27 12.45
C ILE A 47 -3.26 0.71 11.33
N ALA A 48 -3.33 0.25 10.09
CA ALA A 48 -3.00 1.09 8.95
C ALA A 48 -4.20 1.81 8.37
N VAL A 49 -4.05 3.11 8.19
CA VAL A 49 -5.05 3.94 7.50
C VAL A 49 -4.42 4.50 6.24
N PRO A 50 -5.07 4.33 5.08
CA PRO A 50 -6.38 3.72 4.88
C PRO A 50 -6.28 2.20 4.78
N GLY A 51 -7.39 1.52 5.02
CA GLY A 51 -7.42 0.08 4.88
C GLY A 51 -8.50 -0.55 5.73
N SER A 52 -9.09 -1.62 5.22
CA SER A 52 -10.04 -2.40 6.01
C SER A 52 -9.36 -2.93 7.25
N PHE A 53 -10.12 -3.11 8.33
CA PHE A 53 -9.54 -3.55 9.60
C PHE A 53 -9.65 -5.07 9.73
N ASN A 54 -10.37 -5.68 8.80
CA ASN A 54 -10.70 -7.10 8.90
C ASN A 54 -9.51 -8.03 8.72
N ASP A 55 -8.61 -7.68 7.80
CA ASP A 55 -7.52 -8.59 7.45
C ASP A 55 -6.15 -8.19 7.96
N GLN A 56 -6.05 -6.98 8.52
CA GLN A 56 -4.75 -6.45 8.93
C GLN A 56 -4.06 -7.24 10.04
N PHE A 57 -4.84 -7.99 10.82
CA PHE A 57 -4.28 -8.64 12.00
C PHE A 57 -4.34 -10.16 11.95
N ALA A 58 -4.66 -10.70 10.78
CA ALA A 58 -4.71 -12.14 10.55
C ALA A 58 -5.55 -12.87 11.60
N ASP A 59 -6.54 -12.17 12.16
CA ASP A 59 -7.39 -12.72 13.19
C ASP A 59 -8.80 -12.94 12.63
N ALA A 60 -9.35 -14.12 12.88
CA ALA A 60 -10.68 -14.45 12.37
C ALA A 60 -11.78 -13.68 13.12
N ASP A 61 -11.62 -13.59 14.44
CA ASP A 61 -12.63 -12.95 15.28
C ASP A 61 -12.69 -11.44 15.05
N ILE A 62 -11.60 -10.87 14.56
CA ILE A 62 -11.58 -9.46 14.20
C ILE A 62 -12.14 -9.32 12.80
N ARG A 63 -11.89 -10.32 11.96
CA ARG A 63 -12.37 -10.33 10.58
C ARG A 63 -13.88 -10.37 10.50
N ASN A 64 -14.50 -11.21 11.33
CA ASN A 64 -15.95 -11.39 11.29
C ASN A 64 -16.64 -10.67 12.44
N TYR A 65 -15.99 -9.64 12.97
CA TYR A 65 -16.55 -8.84 14.05
C TYR A 65 -17.62 -7.88 13.51
N ALA A 66 -18.72 -7.78 14.25
CA ALA A 66 -19.76 -6.81 13.94
C ALA A 66 -20.04 -5.95 15.16
N GLY A 67 -20.10 -4.63 14.95
CA GLY A 67 -20.32 -3.70 16.04
C GLY A 67 -19.51 -2.44 15.90
N ASN A 68 -19.01 -1.93 17.01
CA ASN A 68 -18.26 -0.67 17.01
C ASN A 68 -16.75 -0.89 17.14
N VAL A 69 -15.99 -0.15 16.34
CA VAL A 69 -14.54 -0.14 16.46
C VAL A 69 -14.07 1.29 16.65
N TRP A 70 -12.93 1.47 17.29
CA TRP A 70 -12.45 2.82 17.60
C TRP A 70 -11.08 3.10 16.99
N TYR A 71 -10.99 4.22 16.28
CA TYR A 71 -9.74 4.71 15.72
C TYR A 71 -9.29 5.95 16.49
N GLN A 72 -7.99 6.14 16.64
CA GLN A 72 -7.49 7.31 17.34
C GLN A 72 -6.08 7.70 16.91
N ARG A 73 -5.86 9.01 16.83
CA ARG A 73 -4.60 9.54 16.33
C ARG A 73 -4.41 10.99 16.76
N GLU A 74 -3.19 11.32 17.17
CA GLU A 74 -2.87 12.70 17.52
C GLU A 74 -2.17 13.38 16.33
N VAL A 75 -2.41 14.68 16.18
CA VAL A 75 -1.84 15.41 15.04
C VAL A 75 -1.55 16.89 15.38
N PHE A 76 -0.42 17.37 14.90
CA PHE A 76 -0.02 18.77 15.06
C PHE A 76 -0.60 19.64 13.95
N ILE A 77 -1.26 20.73 14.33
CA ILE A 77 -1.81 21.65 13.34
C ILE A 77 -0.75 22.66 12.94
N PRO A 78 -0.54 22.83 11.63
CA PRO A 78 0.43 23.78 11.06
C PRO A 78 0.30 25.18 11.66
N LYS A 79 1.44 25.85 11.81
CA LYS A 79 1.48 27.16 12.46
C LYS A 79 0.88 28.25 11.57
N GLY A 80 1.26 28.21 10.29
CA GLY A 80 0.78 29.21 9.34
C GLY A 80 -0.67 29.02 8.93
N TRP A 81 -1.44 28.32 9.76
CA TRP A 81 -2.84 28.03 9.48
C TRP A 81 -3.74 28.89 10.37
N ALA A 82 -3.13 29.65 11.26
CA ALA A 82 -3.87 30.55 12.14
C ALA A 82 -4.57 31.62 11.31
N GLY A 83 -5.83 31.88 11.62
CA GLY A 83 -6.62 32.85 10.87
C GLY A 83 -6.99 32.32 9.50
N GLN A 84 -7.05 31.00 9.38
CA GLN A 84 -7.50 30.34 8.16
C GLN A 84 -8.60 29.35 8.47
N ARG A 85 -9.39 28.99 7.47
CA ARG A 85 -10.48 28.05 7.65
C ARG A 85 -9.97 26.61 7.61
N ILE A 86 -10.17 25.88 8.69
CA ILE A 86 -9.65 24.51 8.79
C ILE A 86 -10.75 23.45 8.78
N VAL A 87 -10.65 22.51 7.85
CA VAL A 87 -11.65 21.46 7.70
C VAL A 87 -11.05 20.07 7.91
N LEU A 88 -11.79 19.20 8.61
CA LEU A 88 -11.38 17.81 8.77
C LEU A 88 -12.24 16.91 7.89
N ARG A 89 -11.61 16.26 6.91
CA ARG A 89 -12.34 15.51 5.90
C ARG A 89 -11.91 14.06 5.79
N PHE A 90 -12.91 13.17 5.76
CA PHE A 90 -12.70 11.76 5.51
C PHE A 90 -13.19 11.43 4.10
N ASP A 91 -12.35 10.80 3.30
CA ASP A 91 -12.77 10.44 1.95
C ASP A 91 -13.82 9.34 1.96
N ALA A 92 -13.72 8.45 2.96
CA ALA A 92 -14.74 7.45 3.20
C ALA A 92 -14.48 6.68 4.50
N VAL A 93 -15.51 6.61 5.33
CA VAL A 93 -15.53 5.68 6.45
C VAL A 93 -16.66 4.70 6.20
N THR A 94 -16.32 3.43 6.04
CA THR A 94 -17.26 2.48 5.46
C THR A 94 -18.42 2.17 6.41
N HIS A 95 -19.61 2.46 5.91
CA HIS A 95 -20.87 2.49 6.65
C HIS A 95 -20.93 3.68 7.60
N TYR A 96 -20.73 3.47 8.89
CA TYR A 96 -20.92 4.54 9.86
C TYR A 96 -19.62 5.07 10.45
N GLY A 97 -19.54 6.39 10.64
CA GLY A 97 -18.42 7.02 11.31
C GLY A 97 -18.82 8.24 12.12
N LYS A 98 -18.32 8.33 13.35
CA LYS A 98 -18.54 9.52 14.19
C LYS A 98 -17.20 10.05 14.70
N VAL A 99 -16.91 11.30 14.37
CA VAL A 99 -15.62 11.92 14.69
C VAL A 99 -15.66 12.88 15.88
N TRP A 100 -14.60 12.83 16.69
CA TRP A 100 -14.36 13.86 17.71
C TRP A 100 -12.99 14.51 17.54
N VAL A 101 -12.94 15.83 17.73
CA VAL A 101 -11.68 16.52 17.92
C VAL A 101 -11.60 16.84 19.40
N ASN A 102 -10.63 16.23 20.08
CA ASN A 102 -10.59 16.24 21.54
C ASN A 102 -11.88 15.67 22.12
N ASN A 103 -12.69 16.56 22.71
CA ASN A 103 -13.97 16.14 23.27
C ASN A 103 -15.15 16.71 22.49
N GLN A 104 -14.86 17.37 21.38
CA GLN A 104 -15.88 18.03 20.58
C GLN A 104 -16.35 17.16 19.41
N GLU A 105 -17.57 16.64 19.50
CA GLU A 105 -18.18 15.93 18.38
C GLU A 105 -18.36 16.90 17.22
N VAL A 106 -17.87 16.52 16.06
CA VAL A 106 -17.87 17.40 14.90
C VAL A 106 -18.52 16.76 13.68
N MSE A 107 -18.53 15.43 13.63
CA MSE A 107 -19.02 14.74 12.45
C MSE A 107 -19.86 13.49 12.74
O MSE A 107 -19.76 12.88 13.80
CB MSE A 107 -17.85 14.35 11.55
CG MSE A 107 -17.64 15.32 10.40
SE MSE A 107 -16.01 15.00 9.41
CE MSE A 107 -14.71 15.29 10.83
N GLU A 108 -20.66 13.13 11.74
CA GLU A 108 -21.51 11.95 11.80
C GLU A 108 -21.93 11.61 10.38
N HIS A 109 -21.82 10.35 9.99
CA HIS A 109 -22.14 9.96 8.62
C HIS A 109 -22.64 8.54 8.46
N GLN A 110 -23.64 8.37 7.58
CA GLN A 110 -24.03 7.06 7.10
C GLN A 110 -23.89 7.03 5.59
N GLY A 111 -23.12 6.06 5.09
CA GLY A 111 -22.73 6.01 3.70
C GLY A 111 -21.23 5.79 3.68
N GLY A 112 -20.80 4.62 3.22
CA GLY A 112 -19.42 4.22 3.40
C GLY A 112 -18.48 4.30 2.22
N TYR A 113 -18.84 5.10 1.23
CA TYR A 113 -18.05 5.18 0.02
C TYR A 113 -18.07 6.60 -0.52
N THR A 114 -18.64 7.50 0.27
CA THR A 114 -18.64 8.92 -0.05
C THR A 114 -18.05 9.71 1.11
N PRO A 115 -17.44 10.87 0.83
CA PRO A 115 -16.77 11.64 1.88
C PRO A 115 -17.71 12.49 2.72
N PHE A 116 -17.21 12.94 3.86
CA PHE A 116 -17.95 13.84 4.74
C PHE A 116 -16.98 14.66 5.56
N GLU A 117 -17.12 15.98 5.49
CA GLU A 117 -16.19 16.89 6.15
C GLU A 117 -16.90 17.81 7.15
N ALA A 118 -16.11 18.55 7.93
CA ALA A 118 -16.66 19.47 8.92
C ALA A 118 -15.67 20.57 9.27
N ASP A 119 -16.20 21.78 9.43
CA ASP A 119 -15.41 22.93 9.84
C ASP A 119 -14.98 22.78 11.29
N VAL A 120 -13.66 22.74 11.51
CA VAL A 120 -13.12 22.51 12.84
C VAL A 120 -12.30 23.70 13.31
N THR A 121 -12.35 24.77 12.53
CA THR A 121 -11.60 26.00 12.81
C THR A 121 -11.74 26.51 14.25
N PRO A 122 -12.98 26.58 14.78
CA PRO A 122 -13.06 27.14 16.14
C PRO A 122 -12.62 26.17 17.23
N TYR A 123 -12.38 24.91 16.86
CA TYR A 123 -12.05 23.89 17.85
C TYR A 123 -10.59 23.49 17.76
N VAL A 124 -9.82 24.27 17.02
CA VAL A 124 -8.42 23.95 16.77
C VAL A 124 -7.54 25.20 16.78
N ILE A 125 -6.37 25.09 17.39
CA ILE A 125 -5.41 26.20 17.45
C ILE A 125 -4.08 25.78 16.83
N ALA A 126 -3.61 26.60 15.88
CA ALA A 126 -2.38 26.32 15.15
C ALA A 126 -1.18 26.16 16.09
N GLY A 127 -0.24 25.31 15.68
CA GLY A 127 0.95 25.04 16.46
C GLY A 127 0.75 24.06 17.59
N LYS A 128 -0.49 23.66 17.83
CA LYS A 128 -0.80 22.73 18.91
C LYS A 128 -1.31 21.40 18.35
N SER A 129 -1.15 20.33 19.14
CA SER A 129 -1.57 19.00 18.74
C SER A 129 -2.92 18.63 19.33
N VAL A 130 -3.74 17.94 18.54
CA VAL A 130 -5.07 17.54 19.01
C VAL A 130 -5.32 16.05 18.85
N ARG A 131 -6.27 15.55 19.64
CA ARG A 131 -6.63 14.15 19.61
C ARG A 131 -7.86 13.89 18.76
N ILE A 132 -7.72 13.03 17.75
CA ILE A 132 -8.84 12.68 16.89
C ILE A 132 -9.32 11.26 17.13
N THR A 133 -10.57 11.13 17.56
CA THR A 133 -11.14 9.82 17.81
C THR A 133 -12.32 9.58 16.86
N VAL A 134 -12.26 8.47 16.13
CA VAL A 134 -13.33 8.11 15.20
C VAL A 134 -14.01 6.82 15.65
N CYS A 135 -15.33 6.83 15.61
CA CYS A 135 -16.10 5.62 15.91
C CYS A 135 -16.68 5.05 14.62
N VAL A 136 -16.23 3.87 14.23
CA VAL A 136 -16.69 3.26 13.00
C VAL A 136 -17.63 2.09 13.29
N ASN A 137 -18.76 2.09 12.60
CA ASN A 137 -19.74 1.01 12.75
C ASN A 137 -19.96 0.30 11.42
N ASN A 138 -20.01 -1.02 11.45
CA ASN A 138 -20.10 -1.81 10.23
C ASN A 138 -21.41 -2.58 10.11
N GLU A 139 -22.42 -2.15 10.84
CA GLU A 139 -23.68 -2.87 10.89
C GLU A 139 -24.60 -2.45 9.74
N LEU A 140 -25.23 -3.44 9.12
CA LEU A 140 -26.18 -3.18 8.05
C LEU A 140 -27.58 -3.60 8.45
N ASN A 141 -28.55 -2.72 8.19
CA ASN A 141 -29.96 -3.05 8.39
C ASN A 141 -30.75 -2.78 7.11
N TRP A 142 -32.06 -2.72 7.22
CA TRP A 142 -32.90 -2.57 6.03
C TRP A 142 -32.99 -1.12 5.57
N GLN A 143 -32.37 -0.23 6.32
CA GLN A 143 -32.38 1.19 5.99
C GLN A 143 -30.98 1.67 5.65
N THR A 144 -30.05 0.72 5.56
CA THR A 144 -28.69 1.03 5.15
C THR A 144 -28.54 0.75 3.66
N ILE A 145 -27.59 1.43 3.04
CA ILE A 145 -27.27 1.19 1.63
C ILE A 145 -25.82 0.73 1.53
N PRO A 146 -25.60 -0.57 1.31
CA PRO A 146 -26.57 -1.64 1.03
C PRO A 146 -27.33 -2.15 2.26
N PRO A 147 -28.45 -2.86 2.04
CA PRO A 147 -29.23 -3.42 3.14
C PRO A 147 -28.58 -4.68 3.75
N GLY A 148 -28.92 -4.97 5.00
CA GLY A 148 -28.41 -6.15 5.66
C GLY A 148 -29.31 -6.57 6.81
N MSE A 149 -28.92 -7.65 7.48
CA MSE A 149 -29.65 -8.13 8.65
C MSE A 149 -28.71 -8.61 9.72
O MSE A 149 -27.79 -9.39 9.45
CB MSE A 149 -30.61 -9.25 8.25
CG MSE A 149 -31.88 -8.79 7.56
SE MSE A 149 -33.10 -10.28 7.24
CE MSE A 149 -33.20 -10.97 9.05
N VAL A 150 -28.92 -8.14 10.95
CA VAL A 150 -28.13 -8.60 12.08
C VAL A 150 -28.84 -9.73 12.80
N ILE A 151 -28.09 -10.78 13.12
CA ILE A 151 -28.68 -11.90 13.84
C ILE A 151 -28.00 -12.06 15.18
N THR A 152 -28.78 -11.92 16.24
CA THR A 152 -28.30 -12.04 17.59
C THR A 152 -28.71 -13.39 18.15
N ASP A 153 -27.73 -14.20 18.54
CA ASP A 153 -28.03 -15.54 19.02
C ASP A 153 -28.43 -15.48 20.49
N GLU A 154 -28.72 -16.65 21.04
CA GLU A 154 -29.14 -16.79 22.43
C GLU A 154 -28.19 -16.09 23.40
N ASN A 155 -26.92 -15.97 23.03
CA ASN A 155 -25.90 -15.42 23.91
C ASN A 155 -25.69 -13.92 23.76
N GLY A 156 -26.46 -13.29 22.88
CA GLY A 156 -26.37 -11.85 22.69
C GLY A 156 -25.24 -11.43 21.76
N LYS A 157 -24.69 -12.40 21.03
CA LYS A 157 -23.60 -12.13 20.09
C LYS A 157 -24.15 -11.72 18.72
N LYS A 158 -23.71 -10.56 18.23
CA LYS A 158 -24.15 -10.08 16.92
C LYS A 158 -23.42 -10.80 15.79
N LYS A 159 -24.14 -11.03 14.70
CA LYS A 159 -23.56 -11.63 13.50
C LYS A 159 -24.24 -11.06 12.26
N GLN A 160 -23.48 -10.36 11.43
CA GLN A 160 -24.06 -9.66 10.29
C GLN A 160 -24.30 -10.59 9.11
N SER A 161 -25.45 -10.43 8.48
CA SER A 161 -25.76 -11.16 7.25
C SER A 161 -26.22 -10.15 6.20
N TYR A 162 -25.80 -10.37 4.96
CA TYR A 162 -26.13 -9.45 3.88
C TYR A 162 -26.51 -10.24 2.63
N PHE A 163 -26.91 -9.53 1.59
CA PHE A 163 -27.51 -10.18 0.43
C PHE A 163 -26.70 -9.97 -0.84
N HIS A 164 -25.50 -9.43 -0.70
CA HIS A 164 -24.60 -9.28 -1.84
C HIS A 164 -23.44 -10.27 -1.77
N ASP A 165 -22.64 -10.32 -2.81
CA ASP A 165 -21.59 -11.34 -2.93
C ASP A 165 -20.31 -10.93 -2.20
N PHE A 166 -19.78 -9.76 -2.53
CA PHE A 166 -18.51 -9.30 -1.98
C PHE A 166 -18.51 -9.21 -0.46
N PHE A 167 -17.34 -9.38 0.13
CA PHE A 167 -17.22 -9.37 1.59
C PHE A 167 -17.45 -7.99 2.17
N ASN A 168 -18.07 -7.95 3.35
CA ASN A 168 -18.38 -6.69 4.02
C ASN A 168 -17.18 -6.13 4.78
N TYR A 169 -16.18 -5.67 4.04
CA TYR A 169 -15.02 -5.04 4.66
C TYR A 169 -15.39 -3.67 5.21
N ALA A 170 -14.79 -3.29 6.33
CA ALA A 170 -15.12 -2.02 6.96
C ALA A 170 -13.88 -1.35 7.53
N GLY A 171 -14.07 -0.17 8.11
CA GLY A 171 -12.97 0.62 8.62
C GLY A 171 -12.76 1.87 7.78
N ILE A 172 -11.72 2.63 8.08
CA ILE A 172 -11.40 3.81 7.28
C ILE A 172 -10.66 3.39 6.03
N HIS A 173 -11.39 3.30 4.92
CA HIS A 173 -10.85 2.76 3.68
C HIS A 173 -10.08 3.78 2.85
N ARG A 174 -10.25 5.06 3.13
CA ARG A 174 -9.65 6.09 2.29
C ARG A 174 -9.03 7.25 3.07
N SER A 175 -8.77 8.35 2.36
CA SER A 175 -7.97 9.46 2.88
C SER A 175 -8.62 10.25 4.01
N VAL A 176 -7.90 10.36 5.12
CA VAL A 176 -8.24 11.28 6.19
C VAL A 176 -7.32 12.49 6.11
N MSE A 177 -7.85 13.69 6.22
CA MSE A 177 -7.02 14.88 6.04
C MSE A 177 -7.59 16.15 6.66
O MSE A 177 -8.79 16.26 6.89
CB MSE A 177 -6.78 15.12 4.55
CG MSE A 177 -7.90 15.89 3.86
SE MSE A 177 -7.85 15.75 1.93
CE MSE A 177 -8.51 13.94 1.74
N LEU A 178 -6.70 17.10 6.93
CA LEU A 178 -7.08 18.45 7.30
C LEU A 178 -6.64 19.37 6.18
N TYR A 179 -7.47 20.36 5.84
CA TYR A 179 -7.08 21.31 4.80
C TYR A 179 -7.66 22.72 5.02
N THR A 180 -7.01 23.71 4.43
CA THR A 180 -7.35 25.10 4.67
C THR A 180 -7.93 25.82 3.48
N THR A 181 -8.70 26.87 3.75
CA THR A 181 -9.21 27.77 2.73
C THR A 181 -9.26 29.16 3.31
N PRO A 182 -9.21 30.20 2.44
CA PRO A 182 -9.54 31.54 2.93
C PRO A 182 -10.96 31.55 3.49
N ASN A 183 -11.28 32.52 4.33
CA ASN A 183 -12.61 32.57 4.91
C ASN A 183 -13.65 32.91 3.85
N THR A 184 -13.17 33.41 2.71
CA THR A 184 -13.94 33.46 1.48
C THR A 184 -13.50 32.32 0.57
N TRP A 185 -14.28 31.24 0.52
CA TRP A 185 -13.89 30.06 -0.23
C TRP A 185 -14.94 29.60 -1.24
N VAL A 186 -14.49 28.88 -2.26
CA VAL A 186 -15.37 28.25 -3.23
C VAL A 186 -15.89 26.94 -2.66
N ASP A 187 -17.21 26.81 -2.58
CA ASP A 187 -17.80 25.65 -1.94
C ASP A 187 -18.41 24.66 -2.91
N ASP A 188 -18.77 25.12 -4.11
CA ASP A 188 -19.36 24.24 -5.11
C ASP A 188 -19.07 24.71 -6.54
N ILE A 189 -18.93 23.77 -7.45
CA ILE A 189 -18.78 24.09 -8.87
C ILE A 189 -19.50 23.00 -9.67
N THR A 190 -20.14 23.41 -10.77
CA THR A 190 -20.78 22.46 -11.67
C THR A 190 -20.59 22.93 -13.10
N VAL A 191 -20.20 22.02 -13.97
CA VAL A 191 -19.91 22.36 -15.36
C VAL A 191 -20.66 21.42 -16.28
N VAL A 192 -21.24 21.99 -17.34
CA VAL A 192 -21.90 21.19 -18.36
C VAL A 192 -21.35 21.59 -19.71
N THR A 193 -20.80 20.62 -20.43
CA THR A 193 -20.17 20.91 -21.70
C THR A 193 -21.05 20.45 -22.86
N HIS A 194 -21.55 21.42 -23.61
CA HIS A 194 -22.31 21.12 -24.82
C HIS A 194 -21.38 21.21 -25.99
N VAL A 195 -21.49 20.24 -26.88
CA VAL A 195 -20.71 20.24 -28.10
C VAL A 195 -21.57 20.15 -29.34
N ALA A 196 -21.28 20.97 -30.32
CA ALA A 196 -21.95 20.90 -31.58
C ALA A 196 -21.16 19.83 -32.24
N GLN A 197 -21.35 19.63 -33.54
CA GLN A 197 -20.69 18.52 -34.22
C GLN A 197 -19.24 18.76 -34.58
N ASP A 198 -18.45 18.75 -33.52
CA ASP A 198 -17.00 18.58 -33.50
C ASP A 198 -16.20 19.79 -33.96
N CYS A 199 -16.87 20.88 -34.28
CA CYS A 199 -16.17 22.10 -34.67
C CYS A 199 -15.94 23.02 -33.48
N ASN A 200 -17.02 23.36 -32.78
CA ASN A 200 -16.89 24.15 -31.56
C ASN A 200 -17.87 23.70 -30.48
N HIS A 201 -17.68 24.22 -29.26
CA HIS A 201 -18.44 23.75 -28.11
C HIS A 201 -18.63 24.85 -27.07
N ALA A 202 -19.71 24.73 -26.30
CA ALA A 202 -19.99 25.69 -25.24
C ALA A 202 -19.83 25.01 -23.88
N SER A 203 -19.50 25.79 -22.87
CA SER A 203 -19.30 25.25 -21.53
C SER A 203 -20.03 26.08 -20.50
N VAL A 204 -21.06 25.49 -19.89
CA VAL A 204 -21.82 26.17 -18.86
C VAL A 204 -21.11 26.00 -17.54
N ASP A 205 -21.22 27.00 -16.67
CA ASP A 205 -20.77 26.83 -15.31
C ASP A 205 -21.80 27.40 -14.36
N TRP A 206 -21.66 27.00 -13.11
CA TRP A 206 -22.50 27.43 -12.00
C TRP A 206 -21.73 27.09 -10.77
N GLN A 207 -21.47 28.07 -9.93
CA GLN A 207 -20.67 27.81 -8.76
C GLN A 207 -21.14 28.62 -7.57
N VAL A 208 -20.85 28.17 -6.39
CA VAL A 208 -21.39 28.78 -5.25
C VAL A 208 -20.27 29.49 -4.55
N VAL A 209 -20.56 30.76 -4.29
CA VAL A 209 -19.62 31.75 -3.85
C VAL A 209 -19.88 31.64 -2.41
N ALA A 210 -18.98 30.95 -1.74
CA ALA A 210 -19.16 30.77 -0.34
C ALA A 210 -19.15 32.20 0.17
N ASN A 211 -18.20 33.01 -0.32
CA ASN A 211 -18.13 34.42 0.09
C ASN A 211 -17.63 35.49 -0.90
N GLY A 212 -17.50 35.16 -2.19
CA GLY A 212 -16.83 36.09 -3.09
C GLY A 212 -17.30 36.31 -4.52
N ASP A 213 -16.95 37.47 -5.08
CA ASP A 213 -17.17 37.75 -6.50
C ASP A 213 -16.46 36.70 -7.34
N VAL A 214 -17.11 36.20 -8.38
CA VAL A 214 -16.58 35.05 -9.11
C VAL A 214 -16.13 35.37 -10.54
N SER A 215 -14.87 35.05 -10.83
CA SER A 215 -14.36 35.06 -12.20
C SER A 215 -13.87 33.67 -12.60
N VAL A 216 -13.97 33.35 -13.88
CA VAL A 216 -13.54 32.03 -14.37
C VAL A 216 -12.67 32.14 -15.63
N GLU A 217 -11.66 31.28 -15.69
CA GLU A 217 -10.73 31.26 -16.82
C GLU A 217 -10.49 29.85 -17.35
N LEU A 218 -10.76 29.64 -18.63
CA LEU A 218 -10.58 28.34 -19.25
C LEU A 218 -9.22 28.19 -19.92
N ARG A 219 -8.35 27.39 -19.31
CA ARG A 219 -7.01 27.17 -19.86
C ARG A 219 -6.88 25.76 -20.44
N ASP A 220 -6.01 25.62 -21.43
CA ASP A 220 -5.79 24.34 -22.10
C ASP A 220 -4.64 23.57 -21.45
N ALA A 221 -4.08 22.63 -22.20
CA ALA A 221 -2.93 21.86 -21.72
C ALA A 221 -1.64 22.65 -21.85
N ASP A 222 -1.68 23.74 -22.61
CA ASP A 222 -0.50 24.57 -22.82
C ASP A 222 -0.48 25.76 -21.87
N GLN A 223 -1.46 25.80 -20.97
CA GLN A 223 -1.59 26.83 -19.93
C GLN A 223 -1.99 28.20 -20.50
N GLN A 224 -2.44 28.23 -21.74
CA GLN A 224 -2.89 29.49 -22.34
C GLN A 224 -4.41 29.62 -22.25
N VAL A 225 -4.88 30.86 -22.15
CA VAL A 225 -6.30 31.14 -22.03
C VAL A 225 -7.02 30.98 -23.37
N VAL A 226 -8.14 30.27 -23.36
CA VAL A 226 -8.89 30.05 -24.59
C VAL A 226 -10.28 30.69 -24.45
N ALA A 227 -10.65 31.03 -23.23
CA ALA A 227 -11.94 31.65 -22.96
C ALA A 227 -12.00 32.23 -21.54
N THR A 228 -12.88 33.20 -21.34
CA THR A 228 -13.03 33.83 -20.03
C THR A 228 -14.50 34.08 -19.70
N GLY A 229 -14.80 34.21 -18.41
CA GLY A 229 -16.15 34.44 -17.96
C GLY A 229 -16.22 35.20 -16.65
N GLN A 230 -17.31 35.93 -16.45
CA GLN A 230 -17.49 36.73 -15.25
C GLN A 230 -18.81 36.40 -14.55
N GLY A 231 -18.84 36.62 -13.23
CA GLY A 231 -20.04 36.49 -12.44
C GLY A 231 -20.33 35.13 -11.81
N THR A 232 -21.22 35.09 -10.84
CA THR A 232 -21.37 33.93 -9.97
C THR A 232 -21.78 32.67 -10.64
N SER A 233 -22.26 32.76 -11.86
CA SER A 233 -22.79 31.60 -12.52
C SER A 233 -23.06 31.95 -13.93
N GLY A 234 -23.80 31.10 -14.55
CA GLY A 234 -24.47 31.43 -15.76
C GLY A 234 -23.53 31.93 -16.82
N THR A 235 -22.36 31.39 -16.90
CA THR A 235 -21.50 31.65 -18.05
C THR A 235 -21.84 30.60 -19.12
N LEU A 236 -21.45 30.87 -20.36
CA LEU A 236 -21.67 29.97 -21.47
C LEU A 236 -20.83 30.43 -22.66
N GLN A 237 -19.52 30.33 -22.52
CA GLN A 237 -18.59 30.82 -23.55
C GLN A 237 -18.33 29.75 -24.59
N VAL A 238 -18.17 30.16 -25.83
CA VAL A 238 -17.92 29.22 -26.92
C VAL A 238 -16.42 28.99 -27.03
N VAL A 239 -16.04 27.82 -27.54
CA VAL A 239 -14.64 27.45 -27.64
C VAL A 239 -14.40 26.66 -28.91
N ASN A 240 -13.19 26.75 -29.47
CA ASN A 240 -12.77 25.83 -30.50
C ASN A 240 -11.93 24.74 -29.87
N PRO A 241 -12.54 23.59 -29.58
CA PRO A 241 -12.03 22.67 -28.57
C PRO A 241 -11.29 21.45 -29.10
N HIS A 242 -10.33 20.99 -28.31
CA HIS A 242 -9.79 19.64 -28.47
C HIS A 242 -10.65 18.77 -27.57
N LEU A 243 -11.48 17.93 -28.17
CA LEU A 243 -12.51 17.22 -27.42
C LEU A 243 -11.95 16.11 -26.53
N TRP A 244 -12.65 15.85 -25.43
CA TRP A 244 -12.33 14.73 -24.56
C TRP A 244 -12.85 13.46 -25.21
N GLN A 245 -11.94 12.63 -25.68
CA GLN A 245 -12.32 11.42 -26.40
C GLN A 245 -11.77 10.20 -25.69
N PRO A 246 -12.50 9.07 -25.76
CA PRO A 246 -11.99 7.83 -25.16
C PRO A 246 -10.66 7.47 -25.80
N GLY A 247 -9.69 7.05 -24.99
CA GLY A 247 -8.38 6.73 -25.53
C GLY A 247 -7.39 7.84 -25.28
N GLU A 248 -7.83 9.08 -25.42
CA GLU A 248 -6.93 10.22 -25.28
C GLU A 248 -7.15 10.95 -23.95
N GLY A 249 -8.35 11.47 -23.75
CA GLY A 249 -8.68 12.16 -22.51
C GLY A 249 -8.12 13.56 -22.34
N TYR A 250 -8.20 14.37 -23.39
CA TYR A 250 -7.75 15.77 -23.31
C TYR A 250 -8.54 16.51 -22.24
N LEU A 251 -7.88 17.43 -21.54
CA LEU A 251 -8.54 18.15 -20.45
C LEU A 251 -8.16 19.62 -20.40
N TYR A 252 -9.17 20.46 -20.15
CA TYR A 252 -8.94 21.87 -19.89
C TYR A 252 -8.90 22.10 -18.39
N GLU A 253 -8.49 23.29 -17.98
CA GLU A 253 -8.49 23.60 -16.55
C GLU A 253 -9.32 24.86 -16.30
N LEU A 254 -10.51 24.67 -15.76
CA LEU A 254 -11.35 25.80 -15.41
C LEU A 254 -10.88 26.37 -14.08
N CYS A 255 -10.38 27.60 -14.13
CA CYS A 255 -9.88 28.24 -12.92
C CYS A 255 -10.94 29.13 -12.31
N VAL A 256 -11.41 28.74 -11.13
CA VAL A 256 -12.46 29.49 -10.46
C VAL A 256 -11.89 30.19 -9.24
N THR A 257 -12.07 31.50 -9.18
CA THR A 257 -11.51 32.30 -8.10
C THR A 257 -12.60 33.13 -7.46
N ALA A 258 -12.47 33.36 -6.15
CA ALA A 258 -13.47 34.08 -5.40
C ALA A 258 -12.84 35.16 -4.54
N LYS A 259 -13.08 36.43 -4.89
CA LYS A 259 -12.45 37.54 -4.20
C LYS A 259 -13.39 38.22 -3.21
N SER A 260 -12.92 38.39 -1.98
CA SER A 260 -13.64 39.18 -1.00
C SER A 260 -13.09 40.59 -1.04
N GLN A 261 -13.36 41.37 0.00
CA GLN A 261 -12.78 42.71 0.10
C GLN A 261 -11.33 42.60 0.55
N THR A 262 -10.99 41.47 1.17
CA THR A 262 -9.64 41.27 1.69
C THR A 262 -8.97 40.01 1.17
N GLU A 263 -9.76 38.96 0.94
CA GLU A 263 -9.20 37.65 0.62
C GLU A 263 -9.54 37.15 -0.78
N CYS A 264 -8.76 36.18 -1.24
CA CYS A 264 -8.97 35.54 -2.54
C CYS A 264 -8.76 34.02 -2.44
N ASP A 265 -9.62 33.27 -3.12
CA ASP A 265 -9.53 31.82 -3.12
C ASP A 265 -9.52 31.27 -4.54
N ILE A 266 -8.51 30.46 -4.84
CA ILE A 266 -8.39 29.88 -6.16
C ILE A 266 -8.70 28.38 -6.13
N TYR A 267 -9.30 27.89 -7.20
CA TYR A 267 -9.61 26.47 -7.32
C TYR A 267 -9.48 26.02 -8.76
N PRO A 268 -8.52 25.14 -9.03
CA PRO A 268 -8.37 24.54 -10.36
C PRO A 268 -9.29 23.34 -10.53
N LEU A 269 -10.07 23.36 -11.61
CA LEU A 269 -10.95 22.23 -11.89
C LEU A 269 -10.69 21.69 -13.28
N ARG A 270 -10.38 20.40 -13.36
CA ARG A 270 -10.15 19.76 -14.64
C ARG A 270 -11.49 19.59 -15.35
N VAL A 271 -11.51 19.94 -16.63
CA VAL A 271 -12.74 19.91 -17.40
C VAL A 271 -12.53 19.15 -18.70
N GLY A 272 -13.45 18.24 -19.02
CA GLY A 272 -13.38 17.50 -20.25
C GLY A 272 -14.58 17.80 -21.10
N ILE A 273 -14.32 18.31 -22.30
CA ILE A 273 -15.40 18.71 -23.20
C ILE A 273 -15.87 17.52 -24.03
N ARG A 274 -16.99 16.94 -23.63
CA ARG A 274 -17.57 15.84 -24.37
C ARG A 274 -19.08 15.80 -24.14
N SER A 275 -19.78 15.10 -25.02
CA SER A 275 -21.22 14.96 -24.87
C SER A 275 -21.64 13.50 -24.82
N VAL A 276 -22.52 13.19 -23.88
CA VAL A 276 -23.04 11.84 -23.74
C VAL A 276 -24.54 11.84 -23.98
N ALA A 277 -25.00 10.91 -24.82
CA ALA A 277 -26.40 10.85 -25.18
C ALA A 277 -26.78 9.51 -25.80
N VAL A 278 -28.00 9.09 -25.52
CA VAL A 278 -28.55 7.87 -26.09
C VAL A 278 -29.38 8.20 -27.32
N LYS A 279 -29.15 7.47 -28.41
CA LYS A 279 -29.91 7.70 -29.63
C LYS A 279 -30.40 6.38 -30.19
N GLY A 280 -31.58 5.95 -29.77
CA GLY A 280 -32.13 4.68 -30.19
C GLY A 280 -31.44 3.55 -29.46
N GLU A 281 -30.78 2.69 -30.23
CA GLU A 281 -30.08 1.54 -29.66
C GLU A 281 -28.59 1.85 -29.50
N GLN A 282 -28.21 3.10 -29.76
CA GLN A 282 -26.80 3.48 -29.72
C GLN A 282 -26.46 4.36 -28.53
N PHE A 283 -25.24 4.20 -28.03
CA PHE A 283 -24.72 5.08 -26.99
C PHE A 283 -23.69 6.01 -27.62
N LEU A 284 -24.05 7.28 -27.69
CA LEU A 284 -23.23 8.28 -28.38
C LEU A 284 -22.34 9.09 -27.46
N ILE A 285 -21.04 8.99 -27.72
CA ILE A 285 -20.05 9.87 -27.11
C ILE A 285 -19.54 10.82 -28.19
N ASN A 286 -19.72 12.11 -27.95
CA ASN A 286 -19.45 13.15 -28.95
C ASN A 286 -20.12 12.85 -30.28
N HIS A 287 -21.42 12.52 -30.20
CA HIS A 287 -22.25 12.28 -31.37
C HIS A 287 -21.69 11.17 -32.27
N LYS A 288 -20.94 10.26 -31.66
CA LYS A 288 -20.42 9.10 -32.37
C LYS A 288 -20.71 7.83 -31.57
N PRO A 289 -21.16 6.76 -32.26
CA PRO A 289 -21.43 5.46 -31.63
C PRO A 289 -20.22 4.86 -30.94
N PHE A 290 -20.41 4.43 -29.69
CA PHE A 290 -19.35 3.88 -28.87
C PHE A 290 -19.64 2.45 -28.44
N TYR A 291 -18.58 1.68 -28.20
CA TYR A 291 -18.72 0.30 -27.77
C TYR A 291 -17.93 0.02 -26.50
N PHE A 292 -18.65 -0.25 -25.41
CA PHE A 292 -18.03 -0.53 -24.13
C PHE A 292 -17.31 -1.88 -24.12
N THR A 293 -16.04 -1.88 -23.76
CA THR A 293 -15.32 -3.10 -23.42
C THR A 293 -14.69 -2.91 -22.06
N GLY A 294 -14.57 -3.99 -21.29
CA GLY A 294 -13.89 -3.88 -20.01
C GLY A 294 -14.38 -4.81 -18.94
N PHE A 295 -14.44 -4.31 -17.71
CA PHE A 295 -14.68 -5.15 -16.55
C PHE A 295 -15.66 -4.57 -15.56
N GLY A 296 -16.25 -5.44 -14.77
CA GLY A 296 -16.82 -5.04 -13.49
C GLY A 296 -15.68 -5.26 -12.52
N ARG A 297 -15.34 -4.24 -11.74
CA ARG A 297 -14.20 -4.33 -10.84
C ARG A 297 -14.63 -4.54 -9.41
N HIS A 298 -13.69 -4.35 -8.49
CA HIS A 298 -13.97 -4.35 -7.06
C HIS A 298 -12.82 -3.70 -6.32
N GLU A 299 -13.13 -2.89 -5.32
CA GLU A 299 -12.09 -2.40 -4.43
C GLU A 299 -11.76 -3.54 -3.48
N ASP A 300 -10.88 -4.42 -3.94
CA ASP A 300 -10.49 -5.60 -3.17
C ASP A 300 -9.04 -5.96 -3.41
N ALA A 301 -8.33 -6.21 -2.32
CA ALA A 301 -6.93 -6.60 -2.39
C ALA A 301 -6.63 -7.52 -1.20
N ASP A 302 -5.47 -8.14 -1.23
CA ASP A 302 -5.20 -9.29 -0.38
C ASP A 302 -5.18 -8.98 1.11
N LEU A 303 -4.55 -7.87 1.50
CA LEU A 303 -4.38 -7.59 2.92
C LEU A 303 -5.05 -6.30 3.37
N ARG A 304 -5.42 -5.44 2.43
CA ARG A 304 -5.97 -4.14 2.78
C ARG A 304 -7.49 -4.09 2.62
N GLY A 305 -8.05 -5.17 2.11
CA GLY A 305 -9.48 -5.21 1.84
C GLY A 305 -9.87 -4.20 0.78
N LYS A 306 -10.75 -3.27 1.15
CA LYS A 306 -11.19 -2.24 0.22
C LYS A 306 -10.38 -0.95 0.40
N GLY A 307 -9.40 -1.01 1.30
CA GLY A 307 -8.51 0.11 1.52
C GLY A 307 -7.79 0.49 0.25
N PHE A 308 -7.66 1.79 0.00
CA PHE A 308 -7.07 2.26 -1.25
C PHE A 308 -5.55 2.20 -1.23
N ASP A 309 -4.97 1.96 -2.40
CA ASP A 309 -3.52 1.93 -2.56
C ASP A 309 -3.13 2.35 -3.97
N ASN A 310 -2.17 3.26 -4.07
CA ASN A 310 -1.72 3.79 -5.35
C ASN A 310 -1.09 2.74 -6.26
N VAL A 311 -0.15 1.98 -5.71
CA VAL A 311 0.53 0.91 -6.44
C VAL A 311 -0.48 -0.01 -7.11
N LEU A 312 -1.48 -0.43 -6.34
CA LEU A 312 -2.53 -1.31 -6.84
C LEU A 312 -3.29 -0.67 -7.99
N MSE A 313 -3.53 0.63 -7.90
CA MSE A 313 -4.26 1.34 -8.94
C MSE A 313 -3.47 1.44 -10.23
O MSE A 313 -4.00 1.24 -11.32
CB MSE A 313 -4.65 2.75 -8.47
CG MSE A 313 -5.34 3.57 -9.55
SE MSE A 313 -5.85 5.36 -8.97
CE MSE A 313 -4.08 6.09 -8.66
N VAL A 314 -2.18 1.75 -10.10
CA VAL A 314 -1.29 1.89 -11.23
C VAL A 314 -1.15 0.56 -11.98
N HIS A 315 -0.98 -0.52 -11.22
CA HIS A 315 -0.83 -1.85 -11.79
C HIS A 315 -2.10 -2.31 -12.48
N ASP A 316 -3.24 -2.04 -11.87
CA ASP A 316 -4.52 -2.49 -12.40
C ASP A 316 -4.89 -1.79 -13.70
N HIS A 317 -4.44 -0.55 -13.84
CA HIS A 317 -4.69 0.20 -15.06
C HIS A 317 -3.72 -0.22 -16.15
N ALA A 318 -2.58 -0.75 -15.74
CA ALA A 318 -1.60 -1.29 -16.67
C ALA A 318 -2.12 -2.59 -17.27
N LEU A 319 -2.85 -3.36 -16.46
CA LEU A 319 -3.44 -4.60 -16.91
C LEU A 319 -4.61 -4.35 -17.86
N MSE A 320 -5.46 -3.40 -17.50
CA MSE A 320 -6.62 -3.07 -18.31
C MSE A 320 -6.22 -2.42 -19.62
O MSE A 320 -6.88 -2.60 -20.64
CB MSE A 320 -7.58 -2.17 -17.53
CG MSE A 320 -8.32 -2.89 -16.42
SE MSE A 320 -9.53 -1.73 -15.43
CE MSE A 320 -10.67 -1.16 -16.90
N ASP A 321 -5.14 -1.65 -19.59
CA ASP A 321 -4.61 -1.02 -20.79
C ASP A 321 -4.06 -2.09 -21.74
N TRP A 322 -3.31 -3.02 -21.17
CA TRP A 322 -2.73 -4.13 -21.92
C TRP A 322 -3.79 -5.03 -22.55
N ILE A 323 -4.85 -5.31 -21.79
CA ILE A 323 -5.84 -6.27 -22.22
C ILE A 323 -6.84 -5.66 -23.22
N GLY A 324 -6.85 -4.34 -23.31
CA GLY A 324 -7.66 -3.67 -24.31
C GLY A 324 -8.94 -3.05 -23.77
N ALA A 325 -9.14 -3.14 -22.47
CA ALA A 325 -10.32 -2.56 -21.83
C ALA A 325 -10.38 -1.04 -22.03
N ASN A 326 -11.51 -0.56 -22.54
CA ASN A 326 -11.68 0.87 -22.75
C ASN A 326 -12.60 1.47 -21.69
N SER A 327 -13.08 0.64 -20.78
CA SER A 327 -14.08 1.07 -19.81
C SER A 327 -14.21 0.10 -18.64
N TYR A 328 -14.92 0.55 -17.60
CA TYR A 328 -15.31 -0.32 -16.51
C TYR A 328 -16.49 0.27 -15.74
N ARG A 329 -16.91 -0.43 -14.69
CA ARG A 329 -18.05 0.01 -13.91
C ARG A 329 -17.74 -0.17 -12.43
N THR A 330 -17.94 0.88 -11.66
CA THR A 330 -17.62 0.87 -10.24
C THR A 330 -18.56 -0.06 -9.49
N SER A 331 -18.30 -1.36 -9.59
CA SER A 331 -19.25 -2.39 -9.14
C SER A 331 -19.63 -2.29 -7.67
N HIS A 332 -20.87 -1.86 -7.48
CA HIS A 332 -21.65 -2.07 -6.27
C HIS A 332 -21.36 -1.06 -5.19
N TYR A 333 -20.60 -0.03 -5.53
CA TYR A 333 -20.34 1.11 -4.63
C TYR A 333 -19.48 2.14 -5.32
N PRO A 334 -19.59 3.42 -4.90
CA PRO A 334 -18.70 4.46 -5.42
C PRO A 334 -17.24 4.16 -5.12
N TYR A 335 -16.39 4.26 -6.13
CA TYR A 335 -14.96 4.05 -5.94
C TYR A 335 -14.29 5.31 -5.44
N ALA A 336 -13.02 5.20 -5.05
CA ALA A 336 -12.23 6.35 -4.64
C ALA A 336 -12.12 7.39 -5.76
N GLU A 337 -12.09 8.67 -5.39
CA GLU A 337 -12.08 9.76 -6.37
C GLU A 337 -10.85 9.70 -7.25
N GLU A 338 -9.76 9.16 -6.70
CA GLU A 338 -8.51 9.03 -7.42
C GLU A 338 -8.61 8.07 -8.60
N MSE A 339 -9.60 7.19 -8.58
CA MSE A 339 -9.85 6.28 -9.69
C MSE A 339 -10.49 7.03 -10.86
O MSE A 339 -10.24 6.72 -12.01
CB MSE A 339 -10.73 5.12 -9.25
CG MSE A 339 -10.10 4.21 -8.20
SE MSE A 339 -8.95 2.86 -8.99
CE MSE A 339 -10.32 1.78 -9.87
N LEU A 340 -11.32 8.02 -10.52
CA LEU A 340 -12.02 8.80 -11.54
C LEU A 340 -11.13 9.91 -12.09
N ASP A 341 -10.21 10.39 -11.27
CA ASP A 341 -9.25 11.39 -11.74
C ASP A 341 -8.32 10.74 -12.74
N TRP A 342 -8.00 9.47 -12.52
CA TRP A 342 -7.20 8.69 -13.44
C TRP A 342 -7.94 8.47 -14.75
N ALA A 343 -9.22 8.15 -14.65
CA ALA A 343 -10.05 7.87 -15.82
C ALA A 343 -10.19 9.11 -16.69
N ASP A 344 -10.37 10.26 -16.03
CA ASP A 344 -10.41 11.54 -16.74
C ASP A 344 -9.15 11.77 -17.55
N GLU A 345 -8.01 11.43 -16.96
CA GLU A 345 -6.70 11.71 -17.56
C GLU A 345 -6.41 10.82 -18.76
N HIS A 346 -6.81 9.55 -18.65
CA HIS A 346 -6.44 8.57 -19.67
C HIS A 346 -7.61 8.23 -20.59
N GLY A 347 -8.68 9.01 -20.51
CA GLY A 347 -9.83 8.82 -21.37
C GLY A 347 -10.50 7.47 -21.19
N ILE A 348 -10.85 7.14 -19.95
CA ILE A 348 -11.49 5.86 -19.66
C ILE A 348 -12.96 6.06 -19.30
N VAL A 349 -13.84 5.35 -20.03
CA VAL A 349 -15.28 5.46 -19.81
C VAL A 349 -15.69 4.69 -18.55
N VAL A 350 -16.53 5.31 -17.72
CA VAL A 350 -16.88 4.72 -16.44
C VAL A 350 -18.38 4.76 -16.15
N ILE A 351 -18.96 3.61 -15.82
CA ILE A 351 -20.32 3.56 -15.31
C ILE A 351 -20.30 3.65 -13.78
N ASP A 352 -20.89 4.71 -13.25
CA ASP A 352 -20.81 5.00 -11.82
C ASP A 352 -21.99 4.41 -11.05
N GLU A 353 -21.68 3.52 -10.10
CA GLU A 353 -22.72 2.82 -9.36
C GLU A 353 -22.82 3.26 -7.91
N THR A 354 -24.03 3.28 -7.38
CA THR A 354 -24.25 3.53 -5.96
C THR A 354 -24.07 2.23 -5.22
N ALA A 355 -24.09 2.27 -3.89
CA ALA A 355 -23.95 1.07 -3.09
C ALA A 355 -25.28 0.33 -2.91
N ALA A 356 -26.23 0.60 -3.80
CA ALA A 356 -27.55 0.00 -3.70
C ALA A 356 -27.58 -1.39 -4.32
N VAL A 357 -27.02 -2.35 -3.59
CA VAL A 357 -27.03 -3.73 -4.03
C VAL A 357 -27.56 -4.59 -2.89
N GLY A 358 -28.18 -5.71 -3.23
CA GLY A 358 -28.75 -6.59 -2.23
C GLY A 358 -30.22 -6.34 -2.01
N PHE A 359 -30.84 -5.63 -2.95
CA PHE A 359 -32.29 -5.46 -2.93
C PHE A 359 -32.92 -6.71 -3.50
N ASN A 360 -32.66 -7.82 -2.83
CA ASN A 360 -33.08 -9.14 -3.27
C ASN A 360 -33.32 -10.05 -2.07
N LEU A 361 -34.16 -11.05 -2.26
CA LEU A 361 -34.45 -12.01 -1.20
C LEU A 361 -34.36 -13.42 -1.76
N SER A 362 -34.31 -13.51 -3.08
CA SER A 362 -34.52 -14.75 -3.79
C SER A 362 -33.38 -15.76 -3.61
N LEU A 363 -32.16 -15.31 -3.85
CA LEU A 363 -31.03 -16.23 -3.96
C LEU A 363 -30.19 -16.26 -2.69
N ASN A 371 -35.81 -17.15 8.98
CA ASN A 371 -36.70 -16.09 9.41
C ASN A 371 -36.52 -14.83 8.58
N LYS A 372 -36.75 -14.95 7.28
CA LYS A 372 -36.61 -13.83 6.36
C LYS A 372 -37.98 -13.26 5.99
N PRO A 373 -38.05 -11.95 5.72
CA PRO A 373 -39.29 -11.30 5.31
C PRO A 373 -39.88 -11.91 4.04
N LYS A 374 -41.19 -11.94 3.96
CA LYS A 374 -41.86 -12.53 2.80
C LYS A 374 -42.08 -11.49 1.71
N GLU A 375 -42.14 -10.23 2.09
CA GLU A 375 -42.31 -9.15 1.13
C GLU A 375 -41.07 -8.25 1.12
N LEU A 376 -40.44 -8.14 -0.04
CA LEU A 376 -39.24 -7.33 -0.19
C LEU A 376 -39.58 -5.84 -0.03
N TYR A 377 -40.73 -5.46 -0.54
CA TYR A 377 -41.18 -4.08 -0.49
C TYR A 377 -42.35 -3.92 0.48
N SER A 378 -42.02 -3.64 1.74
CA SER A 378 -42.99 -3.52 2.82
C SER A 378 -42.37 -2.69 3.92
N GLU A 379 -43.10 -2.49 5.03
CA GLU A 379 -42.56 -1.68 6.11
C GLU A 379 -41.43 -2.44 6.77
N GLU A 380 -41.59 -3.71 6.96
CA GLU A 380 -40.48 -4.53 7.38
C GLU A 380 -39.78 -4.62 6.05
N ALA A 381 -38.49 -4.90 5.99
CA ALA A 381 -37.77 -4.87 4.74
C ALA A 381 -37.64 -3.52 4.08
N VAL A 382 -37.81 -3.43 2.77
CA VAL A 382 -37.51 -2.20 2.05
C VAL A 382 -38.68 -1.24 2.04
N ASN A 383 -38.55 -0.17 2.78
CA ASN A 383 -39.67 0.74 2.94
C ASN A 383 -39.33 2.18 2.54
N GLY A 384 -40.14 3.12 3.03
CA GLY A 384 -39.97 4.53 2.72
C GLY A 384 -38.68 5.13 3.25
N GLU A 385 -38.21 4.61 4.38
CA GLU A 385 -36.95 5.06 4.95
C GLU A 385 -35.79 4.64 4.06
N THR A 386 -35.85 3.40 3.57
CA THR A 386 -34.86 2.89 2.64
C THR A 386 -34.80 3.75 1.38
N GLN A 387 -35.96 4.08 0.84
CA GLN A 387 -36.04 4.93 -0.35
C GLN A 387 -35.42 6.29 -0.08
N GLN A 388 -35.54 6.75 1.16
CA GLN A 388 -34.99 8.04 1.54
C GLN A 388 -33.47 7.95 1.63
N ALA A 389 -32.98 6.86 2.23
CA ALA A 389 -31.55 6.63 2.34
C ALA A 389 -30.94 6.36 0.97
N HIS A 390 -31.73 5.72 0.10
CA HIS A 390 -31.30 5.43 -1.26
C HIS A 390 -31.20 6.71 -2.08
N LEU A 391 -32.20 7.57 -1.94
CA LEU A 391 -32.19 8.87 -2.62
C LEU A 391 -30.99 9.68 -2.14
N GLN A 392 -30.74 9.63 -0.83
CA GLN A 392 -29.61 10.32 -0.23
C GLN A 392 -28.29 9.78 -0.77
N ALA A 393 -28.25 8.47 -1.05
CA ALA A 393 -27.04 7.85 -1.58
C ALA A 393 -26.77 8.32 -3.00
N ILE A 394 -27.83 8.43 -3.80
CA ILE A 394 -27.71 8.92 -5.16
C ILE A 394 -27.25 10.39 -5.15
N LYS A 395 -27.75 11.14 -4.17
CA LYS A 395 -27.39 12.54 -4.01
C LYS A 395 -25.89 12.70 -3.79
N GLU A 396 -25.38 12.07 -2.73
CA GLU A 396 -23.97 12.19 -2.36
C GLU A 396 -23.03 11.69 -3.46
N LEU A 397 -23.48 10.70 -4.22
CA LEU A 397 -22.69 10.17 -5.34
C LEU A 397 -22.60 11.15 -6.50
N ILE A 398 -23.73 11.77 -6.84
CA ILE A 398 -23.78 12.69 -7.96
C ILE A 398 -23.12 14.03 -7.60
N ALA A 399 -23.31 14.47 -6.37
CA ALA A 399 -22.72 15.71 -5.88
C ALA A 399 -21.20 15.66 -5.91
N ARG A 400 -20.67 14.44 -5.94
CA ARG A 400 -19.24 14.21 -5.88
C ARG A 400 -18.63 14.00 -7.27
N ASP A 401 -19.35 13.25 -8.10
CA ASP A 401 -18.83 12.76 -9.36
C ASP A 401 -19.37 13.45 -10.60
N LYS A 402 -20.18 14.48 -10.40
CA LYS A 402 -20.83 15.22 -11.49
C LYS A 402 -19.86 15.89 -12.49
N ASN A 403 -18.67 16.22 -12.03
CA ASN A 403 -17.72 16.99 -12.84
C ASN A 403 -16.67 16.12 -13.53
N HIS A 404 -16.82 14.81 -13.42
CA HIS A 404 -15.89 13.88 -14.04
C HIS A 404 -16.33 13.48 -15.44
N PRO A 405 -15.55 13.88 -16.46
CA PRO A 405 -15.82 13.57 -17.87
C PRO A 405 -15.90 12.06 -18.12
N SER A 406 -15.20 11.28 -17.29
CA SER A 406 -15.15 9.83 -17.46
C SER A 406 -16.49 9.16 -17.18
N VAL A 407 -17.24 9.73 -16.24
CA VAL A 407 -18.55 9.21 -15.91
C VAL A 407 -19.56 9.56 -17.00
N VAL A 408 -20.10 8.55 -17.64
CA VAL A 408 -21.04 8.76 -18.74
C VAL A 408 -22.42 8.21 -18.40
N MSE A 409 -22.55 7.67 -17.20
CA MSE A 409 -23.79 7.03 -16.80
C MSE A 409 -23.89 6.83 -15.30
O MSE A 409 -22.90 6.49 -14.65
CB MSE A 409 -23.94 5.67 -17.50
CG MSE A 409 -25.36 5.15 -17.55
SE MSE A 409 -25.49 3.52 -18.59
CE MSE A 409 -23.77 3.59 -19.50
N TRP A 410 -25.07 7.06 -14.76
CA TRP A 410 -25.33 6.78 -13.35
C TRP A 410 -26.07 5.46 -13.24
N SER A 411 -25.70 4.65 -12.26
CA SER A 411 -26.39 3.39 -12.02
C SER A 411 -27.00 3.38 -10.63
N ILE A 412 -28.33 3.34 -10.57
CA ILE A 412 -29.09 3.55 -9.35
C ILE A 412 -28.98 2.34 -8.41
N ALA A 413 -29.01 1.14 -8.98
CA ALA A 413 -28.94 -0.07 -8.17
C ALA A 413 -28.41 -1.25 -8.98
N ASN A 414 -28.04 -2.32 -8.28
CA ASN A 414 -27.55 -3.52 -8.93
C ASN A 414 -28.38 -4.74 -8.58
N GLU A 415 -28.94 -5.38 -9.61
CA GLU A 415 -29.72 -6.60 -9.48
C GLU A 415 -30.81 -6.57 -8.41
N PRO A 416 -31.76 -5.63 -8.50
CA PRO A 416 -32.88 -5.68 -7.56
C PRO A 416 -33.99 -6.59 -8.08
N ASP A 417 -34.71 -7.25 -7.17
CA ASP A 417 -35.84 -8.06 -7.56
C ASP A 417 -37.01 -7.15 -7.93
N THR A 418 -37.40 -7.21 -9.21
CA THR A 418 -38.46 -6.34 -9.72
C THR A 418 -39.72 -7.15 -9.97
N ARG A 419 -39.87 -8.25 -9.24
CA ARG A 419 -41.03 -9.12 -9.37
C ARG A 419 -42.16 -8.78 -8.39
N PRO A 420 -41.84 -8.44 -7.13
CA PRO A 420 -42.93 -7.97 -6.28
C PRO A 420 -43.60 -6.71 -6.80
N GLN A 421 -44.73 -6.34 -6.22
CA GLN A 421 -45.54 -5.24 -6.72
C GLN A 421 -44.92 -3.88 -6.44
N GLY A 422 -44.40 -3.72 -5.23
CA GLY A 422 -43.88 -2.44 -4.78
C GLY A 422 -42.61 -1.99 -5.47
N ALA A 423 -42.06 -2.86 -6.31
CA ALA A 423 -40.79 -2.60 -7.01
C ALA A 423 -40.86 -1.32 -7.81
N ARG A 424 -41.94 -1.15 -8.57
CA ARG A 424 -42.09 0.02 -9.43
C ARG A 424 -42.49 1.24 -8.61
N GLU A 425 -43.22 1.00 -7.52
CA GLU A 425 -43.60 2.08 -6.62
C GLU A 425 -42.38 2.67 -5.95
N TYR A 426 -41.36 1.84 -5.77
CA TYR A 426 -40.13 2.25 -5.11
C TYR A 426 -39.14 2.96 -6.04
N PHE A 427 -38.99 2.43 -7.25
CA PHE A 427 -37.93 2.90 -8.14
C PHE A 427 -38.31 4.08 -9.03
N ALA A 428 -39.60 4.24 -9.28
CA ALA A 428 -40.06 5.33 -10.13
C ALA A 428 -39.69 6.72 -9.57
N PRO A 429 -39.94 6.97 -8.27
CA PRO A 429 -39.49 8.26 -7.73
C PRO A 429 -37.98 8.45 -7.81
N LEU A 430 -37.23 7.39 -7.52
CA LEU A 430 -35.77 7.45 -7.52
C LEU A 430 -35.21 7.80 -8.90
N ALA A 431 -35.75 7.16 -9.93
CA ALA A 431 -35.30 7.41 -11.30
C ALA A 431 -35.61 8.84 -11.73
N GLU A 432 -36.70 9.39 -11.21
CA GLU A 432 -37.07 10.77 -11.52
C GLU A 432 -36.15 11.75 -10.82
N ALA A 433 -35.90 11.49 -9.54
CA ALA A 433 -35.06 12.36 -8.73
C ALA A 433 -33.63 12.36 -9.25
N THR A 434 -33.21 11.23 -9.82
CA THR A 434 -31.86 11.11 -10.34
C THR A 434 -31.68 11.96 -11.59
N ARG A 435 -32.65 11.91 -12.50
CA ARG A 435 -32.58 12.69 -13.73
C ARG A 435 -32.66 14.19 -13.46
N LYS A 436 -33.21 14.55 -12.29
CA LYS A 436 -33.28 15.95 -11.88
C LYS A 436 -31.96 16.43 -11.30
N LEU A 437 -31.20 15.51 -10.73
CA LEU A 437 -29.92 15.86 -10.11
C LEU A 437 -28.83 16.04 -11.16
N ASP A 438 -28.97 15.36 -12.29
CA ASP A 438 -28.03 15.52 -13.39
C ASP A 438 -28.67 15.09 -14.71
N PRO A 439 -29.14 16.08 -15.50
CA PRO A 439 -29.75 15.83 -16.81
C PRO A 439 -28.74 15.48 -17.89
N THR A 440 -27.45 15.54 -17.54
CA THR A 440 -26.37 15.37 -18.51
C THR A 440 -26.20 13.91 -18.92
N ARG A 441 -26.30 13.00 -17.95
CA ARG A 441 -25.99 11.60 -18.19
C ARG A 441 -27.21 10.69 -18.11
N PRO A 442 -27.25 9.66 -18.97
CA PRO A 442 -28.29 8.63 -18.93
C PRO A 442 -28.24 7.86 -17.61
N ILE A 443 -29.37 7.31 -17.21
CA ILE A 443 -29.41 6.54 -15.97
C ILE A 443 -29.76 5.09 -16.27
N THR A 444 -29.27 4.20 -15.44
CA THR A 444 -29.52 2.78 -15.64
C THR A 444 -29.76 2.05 -14.34
N CYS A 445 -30.26 0.83 -14.46
CA CYS A 445 -30.43 -0.07 -13.32
C CYS A 445 -30.03 -1.45 -13.78
N VAL A 446 -29.09 -2.06 -13.06
CA VAL A 446 -28.52 -3.32 -13.50
C VAL A 446 -29.49 -4.45 -13.25
N ASN A 447 -29.80 -5.21 -14.30
CA ASN A 447 -30.89 -6.17 -14.26
C ASN A 447 -30.44 -7.61 -13.98
N VAL A 448 -31.04 -8.20 -12.95
CA VAL A 448 -30.71 -9.56 -12.53
C VAL A 448 -31.37 -10.58 -13.49
N MSE A 449 -30.88 -11.82 -13.47
CA MSE A 449 -31.29 -12.82 -14.46
C MSE A 449 -32.77 -13.19 -14.42
O MSE A 449 -33.43 -13.16 -15.46
CB MSE A 449 -30.45 -14.09 -14.29
CG MSE A 449 -29.56 -14.39 -15.47
SE MSE A 449 -29.05 -16.27 -15.61
CE MSE A 449 -28.40 -16.53 -13.79
N PHE A 450 -33.30 -13.56 -13.25
CA PHE A 450 -34.64 -14.14 -13.22
C PHE A 450 -35.71 -13.09 -13.48
N CYS A 451 -35.28 -11.84 -13.65
CA CYS A 451 -36.17 -10.78 -14.08
C CYS A 451 -35.90 -10.50 -15.54
N ASP A 452 -36.45 -11.35 -16.40
CA ASP A 452 -36.14 -11.31 -17.83
C ASP A 452 -37.04 -10.32 -18.57
N ALA A 453 -37.09 -10.45 -19.89
CA ALA A 453 -37.79 -9.49 -20.72
C ALA A 453 -39.31 -9.52 -20.52
N HIS A 454 -39.81 -10.62 -19.96
CA HIS A 454 -41.25 -10.77 -19.75
C HIS A 454 -41.62 -10.67 -18.28
N THR A 455 -40.64 -10.42 -17.43
CA THR A 455 -40.87 -10.44 -15.99
C THR A 455 -40.53 -9.11 -15.34
N ASP A 456 -39.55 -8.40 -15.90
CA ASP A 456 -39.11 -7.12 -15.35
C ASP A 456 -40.21 -6.08 -15.46
N THR A 457 -40.32 -5.23 -14.43
CA THR A 457 -41.38 -4.24 -14.37
C THR A 457 -40.88 -2.78 -14.32
N ILE A 458 -39.57 -2.58 -14.43
CA ILE A 458 -39.01 -1.24 -14.21
C ILE A 458 -37.99 -0.74 -15.23
N SER A 459 -37.59 -1.57 -16.18
CA SER A 459 -36.47 -1.22 -17.06
C SER A 459 -36.79 -0.09 -18.04
N ASP A 460 -38.05 0.28 -18.12
CA ASP A 460 -38.49 1.35 -19.01
C ASP A 460 -38.25 2.73 -18.41
N LEU A 461 -38.06 2.77 -17.09
CA LEU A 461 -37.83 4.03 -16.39
C LEU A 461 -36.38 4.51 -16.52
N PHE A 462 -35.56 3.75 -17.25
CA PHE A 462 -34.15 4.07 -17.40
C PHE A 462 -33.74 4.14 -18.87
N ASP A 463 -32.60 4.76 -19.14
CA ASP A 463 -32.19 5.05 -20.51
C ASP A 463 -31.44 3.91 -21.18
N VAL A 464 -30.56 3.26 -20.43
CA VAL A 464 -29.72 2.19 -20.97
C VAL A 464 -29.96 0.87 -20.23
N LEU A 465 -30.05 -0.22 -21.00
CA LEU A 465 -30.32 -1.53 -20.44
C LEU A 465 -29.03 -2.25 -20.05
N CYS A 466 -28.84 -2.48 -18.75
CA CYS A 466 -27.67 -3.18 -18.25
C CYS A 466 -28.06 -4.55 -17.71
N LEU A 467 -27.52 -5.60 -18.34
CA LEU A 467 -27.89 -6.96 -18.00
C LEU A 467 -26.77 -7.76 -17.35
N ASN A 468 -27.12 -8.50 -16.30
CA ASN A 468 -26.20 -9.45 -15.68
C ASN A 468 -26.64 -10.87 -16.03
N ARG A 469 -25.90 -11.51 -16.92
CA ARG A 469 -26.32 -12.80 -17.44
C ARG A 469 -25.30 -13.90 -17.15
N TYR A 470 -25.81 -15.10 -16.88
CA TYR A 470 -24.95 -16.23 -16.54
C TYR A 470 -25.52 -17.54 -17.09
N TYR A 471 -26.02 -17.50 -18.32
CA TYR A 471 -26.54 -18.70 -18.96
C TYR A 471 -25.39 -19.65 -19.26
N GLY A 472 -25.53 -20.90 -18.85
CA GLY A 472 -24.48 -21.87 -19.05
C GLY A 472 -23.66 -22.10 -17.77
N TRP A 473 -23.99 -21.34 -16.74
CA TRP A 473 -23.35 -21.52 -15.44
C TRP A 473 -24.36 -21.93 -14.38
N TYR A 474 -25.13 -20.96 -13.90
CA TYR A 474 -26.14 -21.22 -12.87
C TYR A 474 -27.29 -22.03 -13.46
N VAL A 475 -27.71 -21.66 -14.67
CA VAL A 475 -28.74 -22.37 -15.39
C VAL A 475 -28.14 -22.93 -16.69
N GLN A 476 -28.66 -24.06 -17.14
CA GLN A 476 -28.09 -24.79 -18.27
C GLN A 476 -26.63 -25.12 -17.99
N SER A 477 -26.36 -25.49 -16.73
CA SER A 477 -25.01 -25.71 -16.23
C SER A 477 -24.15 -26.60 -17.12
N GLY A 478 -23.19 -25.99 -17.81
CA GLY A 478 -22.20 -26.71 -18.59
C GLY A 478 -22.55 -26.92 -20.05
N ASP A 479 -23.76 -26.54 -20.44
CA ASP A 479 -24.22 -26.74 -21.80
C ASP A 479 -24.09 -25.46 -22.60
N LEU A 480 -23.12 -25.42 -23.50
CA LEU A 480 -22.86 -24.21 -24.28
C LEU A 480 -23.85 -24.02 -25.42
N GLU A 481 -24.31 -25.13 -26.00
CA GLU A 481 -25.26 -25.05 -27.11
C GLU A 481 -26.61 -24.50 -26.68
N THR A 482 -27.09 -24.97 -25.53
CA THR A 482 -28.38 -24.53 -25.02
C THR A 482 -28.30 -23.11 -24.49
N ALA A 483 -27.16 -22.79 -23.87
CA ALA A 483 -26.94 -21.46 -23.31
C ALA A 483 -26.92 -20.40 -24.41
N GLU A 484 -26.33 -20.74 -25.55
CA GLU A 484 -26.26 -19.83 -26.68
C GLU A 484 -27.64 -19.50 -27.22
N LYS A 485 -28.50 -20.52 -27.27
CA LYS A 485 -29.88 -20.33 -27.75
C LYS A 485 -30.68 -19.45 -26.80
N VAL A 486 -30.55 -19.71 -25.51
CA VAL A 486 -31.29 -18.97 -24.49
C VAL A 486 -30.84 -17.51 -24.43
N LEU A 487 -29.53 -17.31 -24.46
CA LEU A 487 -28.95 -15.97 -24.42
C LEU A 487 -29.41 -15.11 -25.59
N GLU A 488 -29.27 -15.67 -26.79
CA GLU A 488 -29.64 -14.97 -28.02
C GLU A 488 -31.12 -14.62 -28.02
N LYS A 489 -31.95 -15.58 -27.64
CA LYS A 489 -33.39 -15.38 -27.57
C LYS A 489 -33.78 -14.32 -26.55
N GLU A 490 -33.03 -14.27 -25.44
CA GLU A 490 -33.28 -13.32 -24.37
C GLU A 490 -32.86 -11.90 -24.76
N LEU A 491 -31.75 -11.78 -25.46
CA LEU A 491 -31.25 -10.48 -25.89
C LEU A 491 -32.16 -9.85 -26.94
N LEU A 492 -32.67 -10.67 -27.85
CA LEU A 492 -33.57 -10.19 -28.89
C LEU A 492 -34.90 -9.74 -28.30
N ALA A 493 -35.36 -10.47 -27.29
CA ALA A 493 -36.60 -10.11 -26.59
C ALA A 493 -36.47 -8.74 -25.94
N TRP A 494 -35.31 -8.49 -25.32
CA TRP A 494 -35.05 -7.20 -24.69
C TRP A 494 -35.00 -6.08 -25.73
N GLN A 495 -34.46 -6.40 -26.91
CA GLN A 495 -34.36 -5.43 -27.99
C GLN A 495 -35.73 -5.00 -28.50
N GLU A 496 -36.57 -5.98 -28.82
CA GLU A 496 -37.90 -5.71 -29.36
C GLU A 496 -38.84 -5.09 -28.34
N LYS A 497 -38.42 -5.06 -27.09
CA LYS A 497 -39.26 -4.55 -26.01
C LYS A 497 -38.97 -3.08 -25.70
N LEU A 498 -37.72 -2.77 -25.40
CA LEU A 498 -37.37 -1.43 -24.95
C LEU A 498 -36.72 -0.59 -26.03
N HIS A 499 -36.13 -1.26 -27.02
CA HIS A 499 -35.36 -0.60 -28.07
C HIS A 499 -34.33 0.38 -27.49
N GLN A 500 -33.75 0.00 -26.36
CA GLN A 500 -32.70 0.77 -25.71
C GLN A 500 -31.34 0.18 -26.07
N PRO A 501 -30.26 0.94 -25.81
CA PRO A 501 -28.94 0.34 -25.95
C PRO A 501 -28.72 -0.71 -24.87
N ILE A 502 -28.15 -1.85 -25.24
CA ILE A 502 -27.95 -2.93 -24.28
C ILE A 502 -26.47 -3.14 -23.97
N ILE A 503 -26.13 -3.03 -22.69
CA ILE A 503 -24.79 -3.36 -22.23
C ILE A 503 -24.83 -4.58 -21.32
N ILE A 504 -24.02 -5.58 -21.64
CA ILE A 504 -23.87 -6.73 -20.77
C ILE A 504 -22.82 -6.42 -19.71
N THR A 505 -23.29 -6.09 -18.50
CA THR A 505 -22.41 -5.57 -17.46
C THR A 505 -21.83 -6.67 -16.57
N GLU A 506 -22.33 -7.89 -16.74
CA GLU A 506 -21.79 -9.04 -16.00
C GLU A 506 -21.95 -10.33 -16.79
N TYR A 507 -20.82 -10.87 -17.22
CA TYR A 507 -20.79 -12.23 -17.75
C TYR A 507 -19.43 -12.83 -17.48
N GLY A 508 -19.44 -14.00 -16.85
CA GLY A 508 -18.22 -14.69 -16.46
C GLY A 508 -18.55 -15.95 -15.69
N VAL A 509 -17.55 -16.82 -15.56
CA VAL A 509 -17.74 -18.08 -14.84
C VAL A 509 -16.62 -18.26 -13.83
N ASP A 510 -16.90 -19.01 -12.77
CA ASP A 510 -15.90 -19.31 -11.76
C ASP A 510 -14.81 -20.19 -12.36
N THR A 511 -13.57 -19.76 -12.18
CA THR A 511 -12.44 -20.46 -12.77
C THR A 511 -11.27 -20.61 -11.81
N LEU A 512 -10.89 -21.86 -11.53
CA LEU A 512 -9.70 -22.13 -10.72
C LEU A 512 -8.46 -22.02 -11.59
N ALA A 513 -7.58 -21.09 -11.24
CA ALA A 513 -6.31 -20.97 -11.94
C ALA A 513 -5.53 -22.27 -11.76
N GLY A 514 -5.07 -22.83 -12.87
CA GLY A 514 -4.31 -24.07 -12.84
C GLY A 514 -5.13 -25.32 -13.05
N LEU A 515 -6.45 -25.18 -13.04
CA LEU A 515 -7.32 -26.31 -13.32
C LEU A 515 -7.52 -26.44 -14.81
N HIS A 516 -6.99 -27.53 -15.37
CA HIS A 516 -7.06 -27.76 -16.81
C HIS A 516 -7.88 -29.00 -17.13
N SER A 517 -8.60 -28.95 -18.23
CA SER A 517 -9.48 -30.05 -18.63
C SER A 517 -9.50 -30.26 -20.13
N MSE A 518 -9.50 -31.52 -20.54
CA MSE A 518 -9.60 -31.87 -21.95
C MSE A 518 -11.06 -31.97 -22.37
O MSE A 518 -11.37 -32.03 -23.56
CB MSE A 518 -8.87 -33.18 -22.25
CG MSE A 518 -7.36 -33.05 -22.30
SE MSE A 518 -6.76 -32.12 -23.90
CE MSE A 518 -7.40 -33.38 -25.23
N TYR A 519 -11.95 -31.96 -21.38
CA TYR A 519 -13.38 -32.09 -21.64
C TYR A 519 -14.07 -30.73 -21.60
N THR A 520 -13.28 -29.70 -21.31
CA THR A 520 -13.76 -28.32 -21.23
C THR A 520 -15.00 -28.22 -20.35
N ASP A 521 -14.86 -28.57 -19.07
CA ASP A 521 -15.97 -28.51 -18.14
C ASP A 521 -15.79 -27.38 -17.13
N MSE A 522 -16.84 -27.12 -16.37
CA MSE A 522 -16.88 -26.00 -15.43
C MSE A 522 -15.70 -25.98 -14.46
O MSE A 522 -15.14 -27.03 -14.13
CB MSE A 522 -18.20 -26.04 -14.66
CG MSE A 522 -19.43 -25.87 -15.56
SE MSE A 522 -21.13 -26.35 -14.73
CE MSE A 522 -21.24 -24.96 -13.38
N TRP A 523 -15.34 -24.76 -14.06
CA TRP A 523 -14.26 -24.46 -13.11
C TRP A 523 -12.87 -24.58 -13.72
N SER A 524 -12.80 -24.95 -15.00
CA SER A 524 -11.53 -25.08 -15.71
C SER A 524 -11.22 -23.83 -16.52
N GLU A 525 -9.94 -23.56 -16.71
CA GLU A 525 -9.51 -22.40 -17.51
C GLU A 525 -9.98 -22.52 -18.95
N GLU A 526 -10.10 -23.74 -19.44
CA GLU A 526 -10.60 -23.99 -20.79
C GLU A 526 -12.06 -23.57 -20.93
N TYR A 527 -12.87 -23.91 -19.92
CA TYR A 527 -14.29 -23.55 -19.95
C TYR A 527 -14.50 -22.05 -19.99
N GLN A 528 -13.78 -21.32 -19.14
CA GLN A 528 -13.87 -19.87 -19.10
C GLN A 528 -13.67 -19.27 -20.50
N CYS A 529 -12.67 -19.77 -21.21
CA CYS A 529 -12.40 -19.33 -22.56
C CYS A 529 -13.53 -19.68 -23.52
N ALA A 530 -13.98 -20.93 -23.47
CA ALA A 530 -15.07 -21.40 -24.33
C ALA A 530 -16.38 -20.66 -24.02
N TRP A 531 -16.61 -20.41 -22.73
CA TRP A 531 -17.84 -19.77 -22.29
C TRP A 531 -17.89 -18.30 -22.71
N LEU A 532 -16.80 -17.58 -22.47
CA LEU A 532 -16.70 -16.18 -22.87
C LEU A 532 -16.77 -16.02 -24.38
N ASP A 533 -16.14 -16.94 -25.10
CA ASP A 533 -16.11 -16.89 -26.55
C ASP A 533 -17.50 -17.08 -27.16
N MSE A 534 -18.29 -17.97 -26.58
CA MSE A 534 -19.65 -18.23 -27.04
C MSE A 534 -20.52 -16.98 -26.88
O MSE A 534 -21.27 -16.61 -27.78
CB MSE A 534 -20.26 -19.40 -26.29
CG MSE A 534 -21.74 -19.63 -26.59
SE MSE A 534 -22.94 -18.78 -25.32
CE MSE A 534 -22.53 -19.89 -23.76
N TYR A 535 -20.39 -16.33 -25.73
CA TYR A 535 -21.11 -15.10 -25.43
C TYR A 535 -20.79 -14.01 -26.45
N HIS A 536 -19.52 -13.94 -26.82
CA HIS A 536 -19.04 -12.95 -27.78
C HIS A 536 -19.66 -13.15 -29.16
N ARG A 537 -19.88 -14.41 -29.53
CA ARG A 537 -20.50 -14.72 -30.82
C ARG A 537 -21.93 -14.18 -30.88
N VAL A 538 -22.63 -14.26 -29.76
CA VAL A 538 -24.00 -13.79 -29.66
C VAL A 538 -24.06 -12.27 -29.70
N PHE A 539 -23.14 -11.62 -29.00
CA PHE A 539 -23.09 -10.17 -28.94
C PHE A 539 -22.97 -9.55 -30.32
N ASP A 540 -22.15 -10.17 -31.16
CA ASP A 540 -21.88 -9.63 -32.48
C ASP A 540 -23.04 -9.90 -33.44
N ARG A 541 -24.00 -10.72 -33.00
CA ARG A 541 -25.18 -11.01 -33.81
C ARG A 541 -26.37 -10.15 -33.39
N VAL A 542 -26.20 -9.39 -32.32
CA VAL A 542 -27.27 -8.52 -31.83
C VAL A 542 -26.82 -7.06 -31.93
N SER A 543 -27.56 -6.27 -32.69
CA SER A 543 -27.19 -4.88 -32.96
C SER A 543 -27.34 -3.98 -31.74
N ALA A 544 -28.33 -4.24 -30.91
CA ALA A 544 -28.63 -3.39 -29.76
C ALA A 544 -27.57 -3.50 -28.67
N VAL A 545 -26.71 -4.50 -28.77
CA VAL A 545 -25.64 -4.68 -27.80
C VAL A 545 -24.49 -3.72 -28.11
N VAL A 546 -24.22 -2.82 -27.16
CA VAL A 546 -23.22 -1.79 -27.37
C VAL A 546 -22.17 -1.81 -26.26
N GLY A 547 -22.11 -2.91 -25.54
CA GLY A 547 -21.17 -3.02 -24.43
C GLY A 547 -21.00 -4.42 -23.88
N GLU A 548 -19.77 -4.72 -23.47
CA GLU A 548 -19.46 -5.99 -22.84
C GLU A 548 -18.49 -5.77 -21.68
N GLN A 549 -18.95 -6.10 -20.48
CA GLN A 549 -18.11 -5.96 -19.30
C GLN A 549 -18.03 -7.27 -18.53
N VAL A 550 -16.87 -7.91 -18.59
CA VAL A 550 -16.65 -9.21 -18.00
C VAL A 550 -16.69 -9.15 -16.48
N TRP A 551 -17.30 -10.15 -15.86
CA TRP A 551 -17.28 -10.33 -14.41
C TRP A 551 -16.42 -11.54 -14.06
N ASN A 552 -15.31 -11.33 -13.36
CA ASN A 552 -14.89 -10.03 -12.84
C ASN A 552 -13.45 -9.77 -13.29
N PHE A 553 -12.92 -8.59 -12.98
CA PHE A 553 -11.51 -8.30 -13.26
C PHE A 553 -10.61 -9.28 -12.54
N ALA A 554 -10.71 -9.30 -11.21
CA ALA A 554 -9.89 -10.20 -10.40
C ALA A 554 -10.74 -10.96 -9.38
N ASP A 555 -10.24 -12.11 -8.95
CA ASP A 555 -10.89 -12.87 -7.89
C ASP A 555 -10.95 -12.05 -6.62
N PHE A 556 -12.12 -11.98 -5.99
CA PHE A 556 -12.27 -11.18 -4.78
C PHE A 556 -12.87 -12.00 -3.65
N ALA A 557 -12.85 -11.42 -2.45
CA ALA A 557 -13.33 -12.12 -1.26
C ALA A 557 -14.84 -11.99 -1.12
N THR A 558 -15.44 -13.01 -0.50
CA THR A 558 -16.88 -13.05 -0.27
C THR A 558 -17.17 -13.56 1.13
N SER A 559 -18.45 -13.63 1.50
CA SER A 559 -18.85 -14.30 2.72
C SER A 559 -18.77 -15.79 2.50
N GLN A 560 -18.65 -16.54 3.59
CA GLN A 560 -18.45 -17.99 3.50
C GLN A 560 -19.70 -18.68 2.96
N GLY A 561 -19.50 -19.61 2.03
CA GLY A 561 -20.59 -20.38 1.46
C GLY A 561 -20.12 -21.53 0.59
N ILE A 562 -21.05 -22.41 0.23
CA ILE A 562 -20.74 -23.58 -0.57
C ILE A 562 -20.65 -23.25 -2.06
N LEU A 563 -21.04 -22.03 -2.42
CA LEU A 563 -20.99 -21.57 -3.80
C LEU A 563 -19.74 -20.76 -4.05
N ARG A 564 -19.03 -20.44 -2.97
CA ARG A 564 -17.83 -19.60 -3.06
C ARG A 564 -16.61 -20.32 -2.51
N VAL A 565 -15.71 -20.70 -3.43
CA VAL A 565 -14.49 -21.43 -3.07
C VAL A 565 -13.38 -20.48 -2.66
N GLY A 566 -13.43 -20.05 -1.40
CA GLY A 566 -12.44 -19.11 -0.89
C GLY A 566 -12.64 -17.75 -1.55
N GLY A 567 -13.88 -17.45 -1.88
CA GLY A 567 -14.22 -16.20 -2.54
C GLY A 567 -14.77 -16.43 -3.93
N ASN A 568 -14.99 -15.33 -4.65
CA ASN A 568 -15.48 -15.40 -6.01
C ASN A 568 -14.33 -15.56 -7.00
N LYS A 569 -14.39 -16.62 -7.80
CA LYS A 569 -13.31 -16.95 -8.74
C LYS A 569 -13.67 -16.63 -10.18
N LYS A 570 -14.55 -15.66 -10.38
CA LYS A 570 -14.95 -15.30 -11.74
C LYS A 570 -14.01 -14.28 -12.37
N GLY A 571 -12.88 -14.05 -11.72
CA GLY A 571 -11.92 -13.08 -12.20
C GLY A 571 -11.16 -13.55 -13.41
N ILE A 572 -10.75 -12.59 -14.24
CA ILE A 572 -9.87 -12.86 -15.36
C ILE A 572 -8.45 -12.98 -14.82
N PHE A 573 -8.17 -12.18 -13.80
CA PHE A 573 -6.91 -12.26 -13.08
C PHE A 573 -7.16 -12.85 -11.69
N THR A 574 -6.14 -13.44 -11.09
CA THR A 574 -6.26 -13.91 -9.72
C THR A 574 -6.20 -12.71 -8.78
N ARG A 575 -6.33 -12.95 -7.47
CA ARG A 575 -6.33 -11.84 -6.52
C ARG A 575 -4.96 -11.20 -6.42
N ASP A 576 -3.92 -11.95 -6.75
CA ASP A 576 -2.57 -11.40 -6.78
C ASP A 576 -2.23 -10.91 -8.18
N ARG A 577 -3.27 -10.75 -8.99
CA ARG A 577 -3.20 -10.09 -10.31
C ARG A 577 -2.40 -10.90 -11.32
N LYS A 578 -2.48 -12.23 -11.21
CA LYS A 578 -1.89 -13.12 -12.19
C LYS A 578 -2.96 -13.54 -13.20
N PRO A 579 -2.60 -13.56 -14.50
CA PRO A 579 -3.59 -13.76 -15.56
C PRO A 579 -3.94 -15.21 -15.82
N LYS A 580 -5.24 -15.48 -15.94
CA LYS A 580 -5.72 -16.79 -16.37
C LYS A 580 -5.72 -16.82 -17.90
N SER A 581 -5.82 -18.02 -18.47
CA SER A 581 -5.81 -18.19 -19.93
C SER A 581 -6.77 -17.26 -20.67
N ALA A 582 -7.89 -16.94 -20.02
CA ALA A 582 -8.92 -16.09 -20.61
C ALA A 582 -8.45 -14.65 -20.82
N ALA A 583 -7.42 -14.25 -20.08
CA ALA A 583 -6.88 -12.90 -20.21
C ALA A 583 -6.33 -12.65 -21.60
N PHE A 584 -5.73 -13.68 -22.18
CA PHE A 584 -5.12 -13.57 -23.49
C PHE A 584 -6.19 -13.64 -24.57
N LEU A 585 -7.29 -14.32 -24.25
CA LEU A 585 -8.43 -14.40 -25.16
C LEU A 585 -9.08 -13.03 -25.31
N LEU A 586 -9.28 -12.34 -24.19
CA LEU A 586 -9.90 -11.02 -24.19
C LEU A 586 -8.98 -9.96 -24.78
N GLN A 587 -7.67 -10.13 -24.57
CA GLN A 587 -6.70 -9.16 -25.08
C GLN A 587 -6.68 -9.22 -26.60
N LYS A 588 -6.86 -10.42 -27.13
CA LYS A 588 -6.86 -10.65 -28.56
C LYS A 588 -8.12 -10.07 -29.21
N ARG A 589 -9.24 -10.14 -28.52
CA ARG A 589 -10.50 -9.59 -29.03
C ARG A 589 -10.55 -8.08 -28.91
N TRP A 590 -10.22 -7.57 -27.73
CA TRP A 590 -10.38 -6.14 -27.43
C TRP A 590 -9.36 -5.25 -28.14
N THR A 591 -8.14 -5.74 -28.32
CA THR A 591 -7.11 -4.97 -29.01
C THR A 591 -7.15 -5.23 -30.51
N GLY A 592 -7.91 -6.25 -30.91
CA GLY A 592 -8.02 -6.60 -32.31
C GLY A 592 -9.09 -5.80 -33.01
N MSE A 593 -10.10 -5.35 -32.25
CA MSE A 593 -11.13 -4.50 -32.80
C MSE A 593 -10.64 -3.07 -32.89
O MSE A 593 -9.76 -2.66 -32.13
CB MSE A 593 -12.40 -4.56 -31.95
CG MSE A 593 -12.21 -4.07 -30.53
SE MSE A 593 -13.81 -4.29 -29.44
CE MSE A 593 -14.19 -6.15 -29.87
N ASN A 594 -11.19 -2.31 -33.84
CA ASN A 594 -10.90 -0.89 -33.92
C ASN A 594 -11.41 -0.21 -32.66
N PHE A 595 -10.63 0.69 -32.11
CA PHE A 595 -10.97 1.30 -30.86
C PHE A 595 -12.35 1.86 -30.83
N GLY A 596 -13.12 1.40 -29.87
CA GLY A 596 -14.42 1.95 -29.58
C GLY A 596 -15.54 1.57 -30.49
N GLU A 597 -15.33 0.70 -31.47
CA GLU A 597 -16.32 0.49 -32.49
C GLU A 597 -16.79 -0.92 -32.44
N LYS A 598 -18.08 -1.12 -32.61
CA LYS A 598 -18.65 -2.41 -32.39
C LYS A 598 -18.03 -3.31 -33.38
N PRO A 599 -17.74 -4.62 -32.94
CA PRO A 599 -17.24 -5.49 -34.01
C PRO A 599 -18.20 -5.52 -35.15
N GLN A 600 -17.67 -5.45 -36.36
CA GLN A 600 -18.48 -5.39 -37.55
C GLN A 600 -18.82 -6.78 -37.98
N GLN A 601 -19.71 -7.40 -37.22
CA GLN A 601 -20.28 -8.73 -37.49
C GLN A 601 -19.52 -9.99 -37.05
N GLY A 602 -18.40 -9.87 -36.35
CA GLY A 602 -17.44 -8.80 -36.44
C GLY A 602 -16.05 -9.43 -36.29
N GLY A 603 -15.18 -9.21 -37.26
CA GLY A 603 -13.87 -9.84 -37.26
C GLY A 603 -12.91 -9.23 -36.26
N SER B 1 27.84 12.40 7.58
CA SER B 1 26.83 13.37 7.98
C SER B 1 26.08 12.91 9.22
N HIS B 2 25.33 13.83 9.82
CA HIS B 2 24.49 13.53 10.96
C HIS B 2 23.08 13.20 10.49
N MSE B 3 22.43 12.24 11.16
CA MSE B 3 21.09 11.81 10.77
C MSE B 3 20.15 11.65 11.95
O MSE B 3 20.49 11.02 12.95
CB MSE B 3 21.17 10.49 9.99
CG MSE B 3 19.88 10.10 9.27
SE MSE B 3 19.69 10.99 7.55
CE MSE B 3 21.50 11.68 7.34
N LEU B 4 18.95 12.21 11.82
CA LEU B 4 17.94 12.12 12.86
C LEU B 4 16.55 12.00 12.23
N ARG B 5 15.71 11.13 12.77
CA ARG B 5 14.37 10.91 12.21
C ARG B 5 13.41 12.05 12.57
N PRO B 6 12.84 12.71 11.54
CA PRO B 6 11.94 13.85 11.68
C PRO B 6 10.71 13.59 12.56
N VAL B 7 10.32 14.59 13.35
CA VAL B 7 9.11 14.53 14.16
C VAL B 7 8.44 15.91 14.08
N GLU B 8 7.59 16.27 15.04
CA GLU B 8 6.64 17.36 14.81
C GLU B 8 6.49 18.51 15.83
N THR B 9 7.04 18.40 17.04
CA THR B 9 6.77 19.41 18.07
C THR B 9 7.04 20.88 17.64
N PRO B 10 8.30 21.25 17.30
CA PRO B 10 8.40 22.56 16.63
C PRO B 10 8.81 22.40 15.18
N THR B 11 8.89 21.14 14.74
CA THR B 11 9.30 20.74 13.40
C THR B 11 8.07 20.30 12.65
N ARG B 12 7.99 20.55 11.35
CA ARG B 12 6.81 20.11 10.61
C ARG B 12 7.18 19.57 9.24
N GLU B 13 6.78 18.32 8.98
CA GLU B 13 7.04 17.71 7.69
C GLU B 13 5.77 17.52 6.88
N ILE B 14 5.91 17.66 5.56
CA ILE B 14 4.87 17.32 4.64
C ILE B 14 5.33 16.15 3.76
N LYS B 15 4.60 15.04 3.84
CA LYS B 15 4.91 13.89 3.00
C LYS B 15 4.62 14.16 1.54
N LYS B 16 5.65 14.10 0.72
CA LYS B 16 5.45 14.14 -0.73
C LYS B 16 5.29 12.70 -1.16
N LEU B 17 4.84 11.91 -0.19
CA LEU B 17 4.49 10.52 -0.36
C LEU B 17 3.29 10.33 -1.27
N ASP B 18 2.70 11.43 -1.67
CA ASP B 18 1.49 11.34 -2.44
C ASP B 18 1.95 10.47 -3.55
N GLY B 19 1.10 9.54 -3.91
CA GLY B 19 1.54 8.42 -4.65
C GLY B 19 2.12 8.85 -5.94
N LEU B 20 1.49 9.73 -6.66
CA LEU B 20 1.73 9.77 -8.07
C LEU B 20 2.63 10.83 -8.56
N TRP B 21 3.76 10.37 -9.07
CA TRP B 21 4.70 11.20 -9.70
C TRP B 21 4.66 10.97 -11.13
N ALA B 22 5.50 11.68 -11.84
CA ALA B 22 5.71 11.43 -13.26
C ALA B 22 6.92 10.50 -13.42
N PHE B 23 6.79 9.47 -14.25
CA PHE B 23 7.86 8.51 -14.43
C PHE B 23 8.27 8.37 -15.89
N SER B 24 9.55 8.14 -16.12
CA SER B 24 10.07 7.99 -17.48
C SER B 24 11.35 7.17 -17.51
N LEU B 25 11.52 6.40 -18.58
CA LEU B 25 12.74 5.63 -18.78
C LEU B 25 13.71 6.43 -19.63
N ASP B 26 15.01 6.21 -19.41
CA ASP B 26 16.03 6.89 -20.20
C ASP B 26 16.84 5.85 -20.98
N ARG B 27 16.17 5.20 -21.92
CA ARG B 27 16.75 4.11 -22.70
C ARG B 27 17.96 4.54 -23.52
N GLU B 28 17.94 5.78 -24.00
CA GLU B 28 19.00 6.28 -24.87
C GLU B 28 20.07 7.01 -24.07
N ASN B 29 19.80 7.21 -22.79
CA ASN B 29 20.73 7.84 -21.86
C ASN B 29 21.01 9.30 -22.24
N CYS B 30 19.94 10.04 -22.52
CA CYS B 30 20.03 11.45 -22.86
C CYS B 30 19.86 12.35 -21.64
N GLY B 31 19.05 11.89 -20.69
CA GLY B 31 18.56 12.69 -19.57
C GLY B 31 19.45 13.75 -18.93
N ILE B 32 20.68 13.38 -18.56
CA ILE B 32 21.56 14.31 -17.89
C ILE B 32 22.11 15.31 -18.91
N ASP B 33 22.28 14.85 -20.14
CA ASP B 33 22.74 15.72 -21.23
C ASP B 33 21.68 16.75 -21.58
N GLN B 34 20.43 16.31 -21.77
CA GLN B 34 19.37 17.21 -22.21
C GLN B 34 18.68 17.91 -21.03
N ARG B 35 19.30 17.82 -19.85
CA ARG B 35 18.86 18.54 -18.67
C ARG B 35 17.37 18.34 -18.40
N TRP B 36 16.97 17.08 -18.30
CA TRP B 36 15.56 16.73 -18.17
C TRP B 36 14.88 17.29 -16.91
N TRP B 37 15.68 17.68 -15.92
CA TRP B 37 15.10 18.19 -14.68
C TRP B 37 14.63 19.63 -14.83
N GLU B 38 15.02 20.27 -15.93
CA GLU B 38 14.64 21.64 -16.20
C GLU B 38 13.21 21.78 -16.71
N SER B 39 12.80 20.85 -17.57
CA SER B 39 11.45 20.88 -18.11
C SER B 39 10.62 19.71 -17.61
N ALA B 40 9.34 19.70 -17.96
CA ALA B 40 8.47 18.57 -17.60
C ALA B 40 8.83 17.34 -18.40
N LEU B 41 8.86 16.19 -17.74
CA LEU B 41 9.18 14.91 -18.38
C LEU B 41 8.31 14.63 -19.60
N GLN B 42 8.96 14.34 -20.73
CA GLN B 42 8.27 14.03 -21.97
C GLN B 42 8.00 12.53 -22.08
N GLU B 43 6.83 12.16 -22.59
CA GLU B 43 6.41 10.76 -22.66
C GLU B 43 6.52 10.12 -21.29
N SER B 44 5.74 10.62 -20.34
CA SER B 44 5.81 10.13 -18.98
C SER B 44 4.52 9.40 -18.57
N ARG B 45 4.60 8.67 -17.48
CA ARG B 45 3.44 7.96 -16.95
C ARG B 45 3.44 8.00 -15.43
N ALA B 46 2.27 7.79 -14.84
CA ALA B 46 2.12 7.85 -13.40
C ALA B 46 2.77 6.65 -12.72
N ILE B 47 3.40 6.91 -11.58
CA ILE B 47 4.03 5.87 -10.79
C ILE B 47 3.80 6.16 -9.31
N ALA B 48 3.74 5.11 -8.50
CA ALA B 48 3.48 5.30 -7.07
C ALA B 48 4.76 5.40 -6.26
N VAL B 49 4.84 6.43 -5.43
CA VAL B 49 5.94 6.58 -4.49
C VAL B 49 5.38 6.54 -3.08
N PRO B 50 5.92 5.68 -2.22
CA PRO B 50 7.06 4.79 -2.45
C PRO B 50 6.68 3.48 -3.12
N GLY B 51 7.67 2.84 -3.75
CA GLY B 51 7.47 1.55 -4.38
C GLY B 51 8.47 1.31 -5.48
N SER B 52 8.87 0.05 -5.66
CA SER B 52 9.73 -0.33 -6.78
C SER B 52 9.02 -0.04 -8.11
N PHE B 53 9.79 0.26 -9.15
CA PHE B 53 9.19 0.62 -10.43
C PHE B 53 9.08 -0.58 -11.37
N ASN B 54 9.74 -1.67 -11.00
CA ASN B 54 9.88 -2.82 -11.87
C ASN B 54 8.58 -3.57 -12.13
N ASP B 55 7.73 -3.66 -11.12
CA ASP B 55 6.53 -4.49 -11.20
C ASP B 55 5.24 -3.70 -11.35
N GLN B 56 5.32 -2.38 -11.22
CA GLN B 56 4.13 -1.54 -11.22
C GLN B 56 3.36 -1.53 -12.53
N PHE B 57 4.02 -1.84 -13.63
CA PHE B 57 3.40 -1.67 -14.94
C PHE B 57 3.25 -2.98 -15.71
N ALA B 58 3.47 -4.10 -15.02
CA ALA B 58 3.34 -5.43 -15.61
C ALA B 58 4.11 -5.59 -16.92
N ASP B 59 5.20 -4.86 -17.05
CA ASP B 59 6.01 -4.89 -18.27
C ASP B 59 7.34 -5.59 -18.03
N ALA B 60 7.70 -6.51 -18.92
CA ALA B 60 8.93 -7.27 -18.80
C ALA B 60 10.14 -6.39 -19.11
N ASP B 61 10.01 -5.55 -20.13
CA ASP B 61 11.12 -4.71 -20.56
C ASP B 61 11.45 -3.64 -19.54
N ILE B 62 10.47 -3.26 -18.72
CA ILE B 62 10.70 -2.31 -17.64
C ILE B 62 11.23 -3.01 -16.39
N ARG B 63 10.74 -4.21 -16.13
CA ARG B 63 11.13 -4.95 -14.93
C ARG B 63 12.62 -5.31 -14.95
N ASN B 64 13.12 -5.71 -16.11
CA ASN B 64 14.51 -6.13 -16.24
C ASN B 64 15.37 -5.04 -16.86
N TYR B 65 14.90 -3.80 -16.76
CA TYR B 65 15.63 -2.65 -17.28
C TYR B 65 16.76 -2.25 -16.34
N ALA B 66 17.92 -1.94 -16.92
CA ALA B 66 19.04 -1.42 -16.15
C ALA B 66 19.53 -0.10 -16.73
N GLY B 67 19.77 0.88 -15.87
CA GLY B 67 20.20 2.19 -16.30
C GLY B 67 19.57 3.31 -15.50
N ASN B 68 19.23 4.40 -16.19
CA ASN B 68 18.66 5.56 -15.52
C ASN B 68 17.16 5.69 -15.75
N VAL B 69 16.44 5.99 -14.67
CA VAL B 69 15.01 6.28 -14.74
C VAL B 69 14.79 7.64 -14.09
N TRP B 70 13.72 8.33 -14.49
CA TRP B 70 13.49 9.68 -14.01
C TRP B 70 12.17 9.85 -13.27
N TYR B 71 12.26 10.43 -12.07
CA TYR B 71 11.09 10.78 -11.27
C TYR B 71 10.89 12.30 -11.31
N GLN B 72 9.64 12.74 -11.27
CA GLN B 72 9.35 14.16 -11.28
C GLN B 72 8.00 14.47 -10.64
N ARG B 73 7.93 15.56 -9.89
CA ARG B 73 6.75 15.90 -9.12
C ARG B 73 6.73 17.37 -8.69
N GLU B 74 5.58 18.02 -8.81
CA GLU B 74 5.41 19.38 -8.33
C GLU B 74 4.80 19.39 -6.94
N VAL B 75 5.15 20.39 -6.13
CA VAL B 75 4.65 20.48 -4.77
C VAL B 75 4.52 21.92 -4.28
N PHE B 76 3.42 22.21 -3.60
CA PHE B 76 3.23 23.52 -2.99
C PHE B 76 3.82 23.55 -1.59
N ILE B 77 4.65 24.54 -1.34
CA ILE B 77 5.32 24.70 -0.04
C ILE B 77 4.45 25.49 0.94
N PRO B 78 4.30 24.95 2.17
CA PRO B 78 3.53 25.56 3.25
C PRO B 78 3.85 27.05 3.47
N LYS B 79 2.84 27.82 3.83
CA LYS B 79 2.99 29.27 3.97
C LYS B 79 3.78 29.68 5.21
N GLY B 80 3.47 29.06 6.34
CA GLY B 80 4.13 29.38 7.60
C GLY B 80 5.56 28.87 7.71
N TRP B 81 6.19 28.64 6.57
CA TRP B 81 7.54 28.10 6.52
C TRP B 81 8.58 29.14 6.12
N ALA B 82 8.12 30.36 5.83
CA ALA B 82 9.01 31.45 5.47
C ALA B 82 9.93 31.81 6.64
N GLY B 83 11.21 31.98 6.35
CA GLY B 83 12.19 32.27 7.38
C GLY B 83 12.44 31.08 8.28
N GLN B 84 12.23 29.89 7.74
CA GLN B 84 12.50 28.66 8.47
C GLN B 84 13.41 27.77 7.64
N ARG B 85 14.11 26.84 8.29
CA ARG B 85 15.00 25.95 7.56
C ARG B 85 14.22 24.78 6.96
N ILE B 86 14.31 24.63 5.65
CA ILE B 86 13.54 23.62 4.94
C ILE B 86 14.45 22.50 4.44
N VAL B 87 14.13 21.26 4.82
CA VAL B 87 14.95 20.12 4.47
C VAL B 87 14.21 19.13 3.58
N LEU B 88 14.90 18.64 2.55
CA LEU B 88 14.34 17.62 1.67
C LEU B 88 14.99 16.26 1.94
N ARG B 89 14.20 15.31 2.41
CA ARG B 89 14.74 14.03 2.84
C ARG B 89 14.08 12.84 2.15
N PHE B 90 14.92 11.94 1.64
CA PHE B 90 14.48 10.67 1.09
C PHE B 90 14.84 9.58 2.08
N ASP B 91 13.89 8.73 2.44
CA ASP B 91 14.20 7.65 3.37
C ASP B 91 15.09 6.62 2.67
N ALA B 92 14.91 6.47 1.37
CA ALA B 92 15.78 5.64 0.54
C ALA B 92 15.48 5.76 -0.94
N VAL B 93 16.50 5.94 -1.74
CA VAL B 93 16.36 5.72 -3.16
C VAL B 93 17.25 4.55 -3.40
N THR B 94 16.77 3.56 -4.15
CA THR B 94 17.51 2.31 -4.24
C THR B 94 18.48 2.33 -5.36
N HIS B 95 19.71 2.17 -4.86
CA HIS B 95 20.94 2.46 -5.51
C HIS B 95 21.29 3.90 -5.54
N TYR B 96 21.02 4.58 -6.62
CA TYR B 96 21.48 5.93 -6.77
C TYR B 96 20.44 7.00 -7.07
N GLY B 97 20.48 8.08 -6.31
CA GLY B 97 19.65 9.23 -6.57
C GLY B 97 20.33 10.54 -6.78
N LYS B 98 19.92 11.26 -7.80
CA LYS B 98 20.31 12.66 -7.98
C LYS B 98 19.10 13.59 -8.02
N VAL B 99 19.00 14.51 -7.06
CA VAL B 99 17.82 15.38 -6.97
C VAL B 99 18.07 16.79 -7.51
N TRP B 100 17.07 17.35 -8.20
CA TRP B 100 17.10 18.76 -8.56
C TRP B 100 15.83 19.45 -8.03
N VAL B 101 15.95 20.66 -7.52
CA VAL B 101 14.77 21.46 -7.21
C VAL B 101 14.74 22.51 -8.26
N ASN B 102 13.62 22.67 -8.90
CA ASN B 102 13.53 23.51 -10.06
C ASN B 102 14.64 23.19 -11.03
N ASN B 103 15.66 24.02 -11.10
CA ASN B 103 16.85 23.68 -11.84
C ASN B 103 18.11 23.50 -11.04
N GLN B 104 18.02 23.48 -9.72
CA GLN B 104 19.20 23.44 -8.90
C GLN B 104 19.55 22.13 -8.30
N GLU B 105 20.63 21.53 -8.77
CA GLU B 105 21.02 20.25 -8.23
C GLU B 105 21.31 20.47 -6.79
N VAL B 106 20.79 19.64 -5.93
CA VAL B 106 20.95 19.78 -4.48
C VAL B 106 21.35 18.49 -3.75
N MSE B 107 21.43 17.37 -4.47
CA MSE B 107 21.68 16.10 -3.80
C MSE B 107 22.35 15.03 -4.67
O MSE B 107 22.36 15.13 -5.90
CB MSE B 107 20.38 15.54 -3.23
CG MSE B 107 20.30 15.59 -1.70
SE MSE B 107 18.51 15.21 -1.01
CE MSE B 107 17.62 16.87 -1.51
N GLU B 108 22.90 14.03 -4.00
CA GLU B 108 23.54 12.87 -4.64
C GLU B 108 23.81 11.79 -3.60
N HIS B 109 23.46 10.55 -3.92
CA HIS B 109 23.67 9.46 -2.97
C HIS B 109 23.91 8.12 -3.65
N GLN B 110 24.83 7.34 -3.09
CA GLN B 110 24.97 5.93 -3.43
C GLN B 110 24.78 5.10 -2.18
N GLY B 111 23.83 4.16 -2.25
CA GLY B 111 23.39 3.43 -1.08
C GLY B 111 21.87 3.49 -1.06
N GLY B 112 21.24 2.35 -1.26
CA GLY B 112 19.81 2.33 -1.52
C GLY B 112 18.91 1.91 -0.38
N TYR B 113 19.41 2.02 0.85
CA TYR B 113 18.65 1.53 1.99
C TYR B 113 18.88 2.46 3.17
N THR B 114 19.54 3.58 2.92
CA THR B 114 19.78 4.61 3.93
C THR B 114 19.31 5.99 3.44
N PRO B 115 18.90 6.86 4.38
CA PRO B 115 18.37 8.18 4.00
C PRO B 115 19.44 9.21 3.65
N PHE B 116 19.02 10.28 2.99
CA PHE B 116 19.92 11.39 2.68
C PHE B 116 19.13 12.69 2.49
N GLU B 117 19.50 13.72 3.24
CA GLU B 117 18.76 14.97 3.24
C GLU B 117 19.65 16.16 2.84
N ALA B 118 19.01 17.31 2.60
CA ALA B 118 19.74 18.52 2.22
C ALA B 118 18.92 19.78 2.51
N ASP B 119 19.59 20.81 3.01
CA ASP B 119 18.95 22.10 3.24
C ASP B 119 18.64 22.77 1.90
N VAL B 120 17.36 23.04 1.64
CA VAL B 120 16.94 23.54 0.35
C VAL B 120 16.29 24.93 0.41
N THR B 121 16.37 25.57 1.58
CA THR B 121 15.76 26.88 1.82
C THR B 121 16.02 27.96 0.75
N PRO B 122 17.27 28.10 0.26
CA PRO B 122 17.47 29.20 -0.69
C PRO B 122 16.91 28.94 -2.09
N TYR B 123 16.47 27.71 -2.37
CA TYR B 123 16.00 27.35 -3.70
C TYR B 123 14.49 27.18 -3.70
N VAL B 124 13.84 27.64 -2.64
CA VAL B 124 12.42 27.44 -2.46
C VAL B 124 11.77 28.69 -1.85
N ILE B 125 10.58 29.04 -2.35
CA ILE B 125 9.85 30.19 -1.83
C ILE B 125 8.49 29.72 -1.34
N ALA B 126 8.16 30.03 -0.09
CA ALA B 126 6.91 29.60 0.52
C ALA B 126 5.70 30.10 -0.26
N GLY B 127 4.64 29.31 -0.29
CA GLY B 127 3.43 29.67 -0.99
C GLY B 127 3.50 29.42 -2.48
N LYS B 128 4.68 29.03 -2.95
CA LYS B 128 4.90 28.79 -4.37
C LYS B 128 5.15 27.31 -4.65
N SER B 129 4.92 26.89 -5.88
CA SER B 129 5.10 25.50 -6.26
C SER B 129 6.45 25.28 -6.95
N VAL B 130 7.09 24.16 -6.63
CA VAL B 130 8.39 23.84 -7.21
C VAL B 130 8.38 22.46 -7.84
N ARG B 131 9.31 22.25 -8.76
CA ARG B 131 9.44 20.98 -9.46
C ARG B 131 10.56 20.14 -8.87
N ILE B 132 10.23 18.93 -8.44
CA ILE B 132 11.24 18.03 -7.88
C ILE B 132 11.55 16.90 -8.85
N THR B 133 12.80 16.84 -9.31
CA THR B 133 13.20 15.80 -10.25
C THR B 133 14.29 14.91 -9.66
N VAL B 134 14.04 13.61 -9.67
CA VAL B 134 15.01 12.64 -9.17
C VAL B 134 15.50 11.74 -10.30
N CYS B 135 16.81 11.52 -10.34
CA CYS B 135 17.40 10.58 -11.28
C CYS B 135 17.83 9.31 -10.54
N VAL B 136 17.18 8.20 -10.86
CA VAL B 136 17.47 6.95 -10.17
C VAL B 136 18.24 5.98 -11.05
N ASN B 137 19.31 5.41 -10.48
CA ASN B 137 20.14 4.44 -11.16
C ASN B 137 20.15 3.11 -10.40
N ASN B 138 20.05 2.01 -11.13
CA ASN B 138 19.99 0.69 -10.53
C ASN B 138 21.19 -0.18 -10.90
N GLU B 139 22.27 0.47 -11.33
CA GLU B 139 23.44 -0.26 -11.81
C GLU B 139 24.37 -0.64 -10.67
N LEU B 140 24.84 -1.88 -10.69
CA LEU B 140 25.78 -2.37 -9.69
C LEU B 140 27.12 -2.74 -10.33
N ASN B 141 28.21 -2.33 -9.68
CA ASN B 141 29.54 -2.73 -10.09
C ASN B 141 30.29 -3.32 -8.90
N TRP B 142 31.61 -3.42 -9.01
CA TRP B 142 32.39 -4.05 -7.95
C TRP B 142 32.72 -3.09 -6.81
N GLN B 143 32.28 -1.83 -6.94
CA GLN B 143 32.53 -0.85 -5.90
C GLN B 143 31.23 -0.42 -5.23
N THR B 144 30.14 -1.09 -5.60
CA THR B 144 28.83 -0.83 -5.00
C THR B 144 28.51 -1.83 -3.91
N ILE B 145 27.61 -1.43 -3.01
CA ILE B 145 27.13 -2.30 -1.96
C ILE B 145 25.61 -2.48 -2.10
N PRO B 146 25.16 -3.62 -2.64
CA PRO B 146 25.90 -4.83 -3.00
C PRO B 146 26.64 -4.72 -4.35
N PRO B 147 27.60 -5.61 -4.60
CA PRO B 147 28.36 -5.65 -5.85
C PRO B 147 27.57 -6.21 -7.03
N GLY B 148 27.99 -5.87 -8.25
CA GLY B 148 27.36 -6.39 -9.45
C GLY B 148 28.25 -6.35 -10.67
N MSE B 149 27.68 -6.70 -11.82
CA MSE B 149 28.38 -6.68 -13.09
C MSE B 149 27.44 -6.33 -14.24
O MSE B 149 26.50 -7.06 -14.51
CB MSE B 149 29.06 -8.02 -13.37
CG MSE B 149 30.49 -8.11 -12.88
SE MSE B 149 31.37 -9.75 -13.44
CE MSE B 149 33.22 -9.11 -13.43
N VAL B 150 27.70 -5.21 -14.90
CA VAL B 150 26.87 -4.78 -16.01
C VAL B 150 27.49 -5.19 -17.34
N ILE B 151 26.67 -5.74 -18.23
CA ILE B 151 27.13 -6.19 -19.54
C ILE B 151 26.47 -5.43 -20.68
N THR B 152 27.27 -4.74 -21.48
CA THR B 152 26.74 -4.03 -22.64
C THR B 152 27.04 -4.82 -23.90
N ASP B 153 25.99 -5.27 -24.58
CA ASP B 153 26.16 -6.08 -25.78
C ASP B 153 26.33 -5.22 -27.03
N GLU B 154 26.48 -5.88 -28.16
CA GLU B 154 26.61 -5.23 -29.46
C GLU B 154 25.47 -4.23 -29.75
N ASN B 155 24.32 -4.45 -29.12
CA ASN B 155 23.15 -3.63 -29.39
C ASN B 155 23.06 -2.43 -28.45
N GLY B 156 24.04 -2.33 -27.55
CA GLY B 156 24.14 -1.20 -26.63
C GLY B 156 23.19 -1.30 -25.46
N LYS B 157 22.58 -2.46 -25.29
CA LYS B 157 21.64 -2.69 -24.18
C LYS B 157 22.34 -3.21 -22.93
N LYS B 158 22.15 -2.52 -21.82
CA LYS B 158 22.73 -2.96 -20.56
C LYS B 158 21.93 -4.12 -19.96
N LYS B 159 22.63 -5.01 -19.28
CA LYS B 159 22.01 -6.14 -18.60
C LYS B 159 22.77 -6.44 -17.33
N GLN B 160 22.09 -6.27 -16.20
CA GLN B 160 22.73 -6.33 -14.90
C GLN B 160 22.90 -7.77 -14.40
N SER B 161 24.05 -8.04 -13.79
CA SER B 161 24.30 -9.32 -13.16
C SER B 161 24.71 -9.10 -11.71
N TYR B 162 24.20 -9.92 -10.81
CA TYR B 162 24.53 -9.80 -9.39
C TYR B 162 24.75 -11.17 -8.77
N PHE B 163 25.17 -11.20 -7.52
CA PHE B 163 25.63 -12.44 -6.91
C PHE B 163 24.82 -12.85 -5.68
N HIS B 164 23.73 -12.14 -5.45
CA HIS B 164 22.81 -12.50 -4.38
C HIS B 164 21.52 -13.08 -4.97
N ASP B 165 20.64 -13.59 -4.11
CA ASP B 165 19.46 -14.30 -4.58
C ASP B 165 18.30 -13.37 -4.90
N PHE B 166 17.94 -12.50 -3.95
CA PHE B 166 16.78 -11.64 -4.10
C PHE B 166 16.88 -10.74 -5.34
N PHE B 167 15.72 -10.39 -5.89
CA PHE B 167 15.65 -9.62 -7.13
C PHE B 167 16.13 -8.18 -6.94
N ASN B 168 16.75 -7.64 -7.98
CA ASN B 168 17.28 -6.28 -7.92
C ASN B 168 16.19 -5.23 -8.14
N TYR B 169 15.29 -5.12 -7.17
CA TYR B 169 14.26 -4.08 -7.21
C TYR B 169 14.89 -2.72 -6.97
N ALA B 170 14.38 -1.70 -7.65
CA ALA B 170 14.92 -0.36 -7.52
C ALA B 170 13.82 0.70 -7.54
N GLY B 171 14.23 1.97 -7.40
CA GLY B 171 13.29 3.07 -7.36
C GLY B 171 13.25 3.68 -5.97
N ILE B 172 12.33 4.62 -5.77
CA ILE B 172 12.17 5.22 -4.46
C ILE B 172 11.30 4.31 -3.60
N HIS B 173 11.95 3.51 -2.75
CA HIS B 173 11.27 2.48 -2.00
C HIS B 173 10.60 2.99 -0.73
N ARG B 174 10.97 4.19 -0.29
CA ARG B 174 10.48 4.68 0.99
C ARG B 174 10.02 6.14 0.98
N SER B 175 9.89 6.70 2.18
CA SER B 175 9.25 8.00 2.39
C SER B 175 10.04 9.20 1.87
N VAL B 176 9.37 10.01 1.05
CA VAL B 176 9.89 11.32 0.64
C VAL B 176 9.19 12.43 1.41
N MSE B 177 9.92 13.49 1.78
CA MSE B 177 9.33 14.59 2.55
C MSE B 177 10.18 15.87 2.59
O MSE B 177 11.40 15.81 2.60
CB MSE B 177 9.05 14.12 3.99
CG MSE B 177 10.29 14.12 4.90
SE MSE B 177 10.14 12.84 6.37
CE MSE B 177 10.55 11.21 5.38
N LEU B 178 9.50 17.02 2.61
CA LEU B 178 10.08 18.24 3.18
C LEU B 178 9.74 18.35 4.66
N TYR B 179 10.71 18.82 5.45
CA TYR B 179 10.44 19.12 6.86
C TYR B 179 11.27 20.30 7.32
N THR B 180 10.76 20.99 8.34
CA THR B 180 11.34 22.24 8.79
C THR B 180 11.92 22.20 10.19
N THR B 181 12.88 23.10 10.43
CA THR B 181 13.45 23.28 11.76
C THR B 181 13.74 24.76 11.94
N PRO B 182 13.79 25.22 13.20
CA PRO B 182 14.29 26.58 13.47
C PRO B 182 15.72 26.74 12.97
N ASN B 183 16.17 27.97 12.79
CA ASN B 183 17.52 28.19 12.29
C ASN B 183 18.55 27.82 13.35
N THR B 184 18.08 27.68 14.58
CA THR B 184 18.81 26.97 15.61
C THR B 184 18.17 25.59 15.71
N TRP B 185 18.80 24.60 15.08
CA TRP B 185 18.20 23.28 15.01
C TRP B 185 19.13 22.18 15.49
N VAL B 186 18.54 21.09 15.99
CA VAL B 186 19.30 19.89 16.33
C VAL B 186 19.42 18.95 15.14
N ASP B 187 20.65 18.62 14.75
CA ASP B 187 20.86 17.74 13.61
C ASP B 187 21.40 16.37 14.04
N ASP B 188 21.89 16.29 15.28
CA ASP B 188 22.48 15.04 15.77
C ASP B 188 22.23 14.80 17.27
N ILE B 189 22.09 13.52 17.63
CA ILE B 189 21.94 13.06 19.01
C ILE B 189 22.54 11.66 19.17
N THR B 190 23.12 11.36 20.34
CA THR B 190 23.64 10.02 20.60
C THR B 190 23.38 9.58 22.04
N VAL B 191 22.90 8.34 22.22
CA VAL B 191 22.54 7.83 23.54
C VAL B 191 23.12 6.44 23.83
N VAL B 192 23.66 6.26 25.03
CA VAL B 192 24.13 4.95 25.49
C VAL B 192 23.60 4.62 26.89
N THR B 193 22.91 3.48 27.02
CA THR B 193 22.28 3.10 28.28
C THR B 193 23.02 1.99 29.03
N HIS B 194 23.54 2.33 30.22
CA HIS B 194 24.17 1.33 31.08
C HIS B 194 23.20 0.85 32.18
N VAL B 195 23.07 -0.46 32.34
CA VAL B 195 22.24 -1.02 33.40
C VAL B 195 23.02 -2.03 34.23
N ALA B 196 22.91 -1.97 35.56
CA ALA B 196 23.64 -2.92 36.40
C ALA B 196 22.88 -4.21 36.69
N GLN B 197 23.34 -4.91 37.74
CA GLN B 197 22.76 -6.17 38.20
C GLN B 197 22.09 -6.03 39.57
N ASP B 198 20.90 -5.46 39.69
CA ASP B 198 20.01 -5.13 38.60
C ASP B 198 19.16 -3.94 39.06
N CYS B 199 19.64 -3.31 40.13
CA CYS B 199 18.86 -2.31 40.86
C CYS B 199 18.52 -1.05 40.07
N ASN B 200 19.48 -0.53 39.31
CA ASN B 200 19.35 0.78 38.70
C ASN B 200 20.24 0.97 37.47
N HIS B 201 20.06 2.08 36.75
CA HIS B 201 20.74 2.27 35.48
C HIS B 201 21.09 3.72 35.17
N ALA B 202 22.16 3.91 34.40
CA ALA B 202 22.62 5.23 33.99
C ALA B 202 22.50 5.44 32.46
N SER B 203 22.35 6.69 32.03
CA SER B 203 22.22 6.98 30.61
C SER B 203 23.09 8.14 30.13
N VAL B 204 24.08 7.84 29.30
CA VAL B 204 24.93 8.87 28.71
C VAL B 204 24.34 9.43 27.43
N ASP B 205 24.60 10.69 27.17
CA ASP B 205 24.27 11.29 25.90
C ASP B 205 25.37 12.20 25.35
N TRP B 206 25.25 12.52 24.06
CA TRP B 206 26.17 13.41 23.37
C TRP B 206 25.51 13.87 22.08
N GLN B 207 25.28 15.17 21.97
CA GLN B 207 24.55 15.73 20.83
C GLN B 207 25.06 17.12 20.45
N VAL B 208 24.89 17.46 19.17
CA VAL B 208 25.35 18.74 18.63
C VAL B 208 24.17 19.62 18.18
N VAL B 209 24.22 20.91 18.44
CA VAL B 209 23.08 21.75 18.11
C VAL B 209 23.53 23.07 17.50
N ALA B 210 22.81 23.53 16.49
CA ALA B 210 23.35 24.52 15.57
C ALA B 210 23.70 25.81 16.20
N ASN B 211 22.85 26.31 17.07
CA ASN B 211 23.18 27.52 17.80
C ASN B 211 23.02 27.36 19.30
N GLY B 212 22.72 26.17 19.78
CA GLY B 212 21.94 26.06 20.99
C GLY B 212 22.32 25.44 22.30
N ASP B 213 22.13 26.23 23.34
CA ASP B 213 22.40 25.81 24.69
C ASP B 213 21.48 24.65 24.92
N VAL B 214 21.96 23.64 25.60
CA VAL B 214 21.23 22.39 25.59
C VAL B 214 20.71 21.95 26.95
N SER B 215 19.42 21.68 27.00
CA SER B 215 18.82 21.03 28.14
C SER B 215 18.27 19.69 27.68
N VAL B 216 18.32 18.71 28.56
CA VAL B 216 17.81 17.39 28.23
C VAL B 216 16.90 16.95 29.37
N GLU B 217 15.78 16.34 29.00
CA GLU B 217 14.83 15.91 30.00
C GLU B 217 14.40 14.48 29.73
N LEU B 218 14.60 13.62 30.71
CA LEU B 218 14.23 12.22 30.59
C LEU B 218 12.82 12.05 31.12
N ARG B 219 11.88 11.84 30.21
CA ARG B 219 10.47 11.71 30.60
C ARG B 219 10.01 10.27 30.53
N ASP B 220 8.99 9.95 31.33
CA ASP B 220 8.50 8.59 31.48
C ASP B 220 7.43 8.29 30.42
N ALA B 221 6.63 7.25 30.66
CA ALA B 221 5.55 6.91 29.76
C ALA B 221 4.36 7.83 30.03
N ASP B 222 4.41 8.49 31.19
CA ASP B 222 3.36 9.40 31.61
C ASP B 222 3.73 10.84 31.30
N GLN B 223 4.86 11.01 30.62
CA GLN B 223 5.34 12.33 30.19
C GLN B 223 5.80 13.14 31.40
N GLN B 224 6.06 12.43 32.50
CA GLN B 224 6.53 13.06 33.72
C GLN B 224 8.05 13.04 33.79
N VAL B 225 8.63 14.04 34.45
CA VAL B 225 10.08 14.13 34.54
C VAL B 225 10.60 13.13 35.55
N VAL B 226 11.59 12.33 35.15
CA VAL B 226 12.16 11.35 36.06
C VAL B 226 13.62 11.70 36.28
N ALA B 227 14.15 12.54 35.40
CA ALA B 227 15.52 13.02 35.49
C ALA B 227 15.77 14.16 34.50
N THR B 228 16.78 14.98 34.79
CA THR B 228 17.12 16.12 33.94
C THR B 228 18.65 16.26 33.82
N GLY B 229 19.09 16.97 32.79
CA GLY B 229 20.51 17.16 32.54
C GLY B 229 20.80 18.49 31.87
N GLN B 230 22.01 19.00 32.07
CA GLN B 230 22.38 20.30 31.53
C GLN B 230 23.61 20.18 30.64
N GLY B 231 23.72 21.07 29.66
CA GLY B 231 24.91 21.10 28.82
C GLY B 231 24.78 20.18 27.62
N THR B 232 25.55 20.44 26.59
CA THR B 232 25.50 19.63 25.37
C THR B 232 26.12 18.26 25.63
N SER B 233 27.21 18.27 26.40
CA SER B 233 28.01 17.07 26.61
C SER B 233 27.30 16.02 27.46
N GLY B 234 28.02 14.94 27.74
CA GLY B 234 27.56 13.83 28.57
C GLY B 234 26.75 14.12 29.82
N THR B 235 25.53 13.61 29.83
CA THR B 235 24.71 13.54 31.02
C THR B 235 24.88 12.11 31.54
N LEU B 236 24.41 11.84 32.76
CA LEU B 236 24.49 10.49 33.31
C LEU B 236 23.59 10.40 34.53
N GLN B 237 22.29 10.48 34.28
CA GLN B 237 21.33 10.46 35.37
C GLN B 237 20.94 9.03 35.72
N VAL B 238 20.86 8.74 37.01
CA VAL B 238 20.52 7.41 37.50
C VAL B 238 19.03 7.28 37.82
N VAL B 239 18.49 6.08 37.67
CA VAL B 239 17.08 5.83 37.93
C VAL B 239 16.84 4.42 38.46
N ASN B 240 15.73 4.24 39.19
CA ASN B 240 15.25 2.90 39.50
C ASN B 240 14.25 2.55 38.41
N PRO B 241 14.70 1.75 37.43
CA PRO B 241 14.14 1.71 36.08
C PRO B 241 13.19 0.57 35.74
N HIS B 242 12.27 0.88 34.82
CA HIS B 242 11.53 -0.14 34.10
C HIS B 242 12.28 -0.47 32.83
N LEU B 243 12.89 -1.65 32.79
CA LEU B 243 13.82 -2.00 31.72
C LEU B 243 13.13 -2.30 30.39
N TRP B 244 13.86 -2.09 29.30
CA TRP B 244 13.39 -2.46 27.97
C TRP B 244 13.56 -3.97 27.82
N GLN B 245 12.44 -4.68 27.80
CA GLN B 245 12.47 -6.14 27.75
C GLN B 245 11.73 -6.69 26.52
N PRO B 246 12.18 -7.85 26.01
CA PRO B 246 11.59 -8.50 24.84
C PRO B 246 10.10 -8.85 24.99
N GLY B 247 9.61 -8.90 26.22
CA GLY B 247 8.20 -9.25 26.45
C GLY B 247 7.31 -8.03 26.38
N GLU B 248 7.79 -6.93 26.95
CA GLU B 248 7.02 -5.69 27.03
C GLU B 248 7.53 -4.64 26.05
N GLY B 249 8.81 -4.31 26.15
CA GLY B 249 9.42 -3.30 25.32
C GLY B 249 9.11 -1.89 25.80
N TYR B 250 9.26 -1.70 27.11
CA TYR B 250 9.05 -0.39 27.75
C TYR B 250 9.97 0.66 27.15
N LEU B 251 9.49 1.90 27.09
CA LEU B 251 10.27 2.98 26.49
C LEU B 251 10.12 4.30 27.24
N TYR B 252 11.24 4.98 27.44
CA TYR B 252 11.24 6.35 27.95
C TYR B 252 11.30 7.34 26.81
N GLU B 253 11.06 8.61 27.11
CA GLU B 253 11.16 9.65 26.11
C GLU B 253 12.13 10.74 26.55
N LEU B 254 13.34 10.71 26.01
CA LEU B 254 14.30 11.75 26.29
C LEU B 254 14.01 12.97 25.44
N CYS B 255 13.60 14.04 26.10
CA CYS B 255 13.28 15.28 25.41
C CYS B 255 14.49 16.21 25.46
N VAL B 256 15.08 16.47 24.30
CA VAL B 256 16.27 17.29 24.21
C VAL B 256 15.93 18.63 23.56
N THR B 257 16.33 19.72 24.21
CA THR B 257 15.94 21.05 23.76
C THR B 257 17.15 21.93 23.44
N ALA B 258 16.96 22.83 22.48
CA ALA B 258 18.03 23.69 22.01
C ALA B 258 17.61 25.15 21.97
N LYS B 259 18.16 25.96 22.87
CA LYS B 259 17.75 27.35 23.00
C LYS B 259 18.75 28.33 22.37
N SER B 260 18.25 29.21 21.51
CA SER B 260 19.04 30.31 20.99
C SER B 260 18.74 31.60 21.76
N GLN B 261 19.16 32.73 21.21
CA GLN B 261 18.81 34.03 21.78
C GLN B 261 17.41 34.43 21.32
N THR B 262 16.98 33.87 20.21
CA THR B 262 15.68 34.22 19.63
C THR B 262 14.80 32.99 19.41
N GLU B 263 15.43 31.86 19.10
CA GLU B 263 14.70 30.67 18.69
C GLU B 263 14.83 29.52 19.69
N CYS B 264 13.89 28.58 19.62
CA CYS B 264 13.93 27.38 20.44
C CYS B 264 13.50 26.17 19.63
N ASP B 265 14.22 25.06 19.79
CA ASP B 265 13.90 23.83 19.07
C ASP B 265 13.84 22.63 20.02
N ILE B 266 12.74 21.90 19.98
CA ILE B 266 12.52 20.74 20.85
C ILE B 266 12.61 19.45 20.01
N TYR B 267 13.10 18.37 20.61
CA TYR B 267 13.16 17.10 19.91
C TYR B 267 12.97 15.92 20.86
N PRO B 268 11.86 15.17 20.69
CA PRO B 268 11.59 13.94 21.44
C PRO B 268 12.29 12.72 20.84
N LEU B 269 13.03 11.99 21.68
CA LEU B 269 13.69 10.78 21.23
C LEU B 269 13.29 9.58 22.09
N ARG B 270 12.84 8.51 21.43
CA ARG B 270 12.42 7.30 22.12
C ARG B 270 13.65 6.60 22.68
N VAL B 271 13.59 6.18 23.95
CA VAL B 271 14.75 5.55 24.58
C VAL B 271 14.38 4.27 25.33
N GLY B 272 15.16 3.21 25.10
CA GLY B 272 14.95 1.94 25.77
C GLY B 272 16.16 1.57 26.61
N ILE B 273 15.94 1.36 27.90
CA ILE B 273 17.03 1.08 28.82
C ILE B 273 17.38 -0.41 28.82
N ARG B 274 18.43 -0.77 28.09
CA ARG B 274 18.90 -2.15 28.07
C ARG B 274 20.38 -2.24 27.70
N SER B 275 20.99 -3.38 28.02
CA SER B 275 22.38 -3.63 27.65
C SER B 275 22.51 -4.95 26.89
N VAL B 276 23.29 -4.93 25.81
CA VAL B 276 23.56 -6.15 25.06
C VAL B 276 25.05 -6.46 25.10
N ALA B 277 25.39 -7.70 25.43
CA ALA B 277 26.79 -8.10 25.57
C ALA B 277 26.95 -9.62 25.58
N VAL B 278 28.07 -10.09 25.05
CA VAL B 278 28.39 -11.51 25.03
C VAL B 278 29.27 -11.93 26.20
N LYS B 279 28.88 -13.03 26.85
CA LYS B 279 29.64 -13.58 27.97
C LYS B 279 29.77 -15.10 27.85
N GLY B 280 30.86 -15.54 27.21
CA GLY B 280 31.09 -16.96 26.97
C GLY B 280 30.28 -17.51 25.81
N GLU B 281 29.44 -18.51 26.09
CA GLU B 281 28.62 -19.13 25.06
C GLU B 281 27.21 -18.57 25.05
N GLN B 282 26.96 -17.58 25.89
CA GLN B 282 25.62 -17.01 26.04
C GLN B 282 25.53 -15.58 25.50
N PHE B 283 24.35 -15.23 24.98
CA PHE B 283 24.06 -13.87 24.56
C PHE B 283 23.21 -13.20 25.63
N LEU B 284 23.76 -12.20 26.31
CA LEU B 284 23.05 -11.59 27.43
C LEU B 284 22.31 -10.32 27.04
N ILE B 285 20.99 -10.33 27.23
CA ILE B 285 20.20 -9.12 27.15
C ILE B 285 19.75 -8.76 28.56
N ASN B 286 20.17 -7.58 29.03
CA ASN B 286 19.97 -7.19 30.42
C ASN B 286 20.44 -8.27 31.38
N HIS B 287 21.66 -8.76 31.15
CA HIS B 287 22.30 -9.73 32.02
C HIS B 287 21.48 -11.02 32.17
N LYS B 288 20.72 -11.35 31.14
CA LYS B 288 19.94 -12.58 31.13
C LYS B 288 20.16 -13.38 29.84
N PRO B 289 20.34 -14.70 29.96
CA PRO B 289 20.50 -15.59 28.81
C PRO B 289 19.29 -15.54 27.88
N PHE B 290 19.53 -15.32 26.59
CA PHE B 290 18.43 -15.17 25.64
C PHE B 290 18.54 -16.20 24.52
N TYR B 291 17.40 -16.57 23.94
CA TYR B 291 17.37 -17.52 22.83
C TYR B 291 16.58 -16.95 21.66
N PHE B 292 17.27 -16.64 20.58
CA PHE B 292 16.65 -16.05 19.40
C PHE B 292 15.72 -17.02 18.67
N THR B 293 14.49 -16.58 18.44
CA THR B 293 13.60 -17.27 17.52
C THR B 293 13.08 -16.26 16.51
N GLY B 294 12.84 -16.70 15.28
CA GLY B 294 12.28 -15.82 14.28
C GLY B 294 12.70 -16.13 12.86
N PHE B 295 12.92 -15.07 12.08
CA PHE B 295 13.10 -15.23 10.65
C PHE B 295 14.20 -14.33 10.09
N GLY B 296 14.71 -14.73 8.93
CA GLY B 296 15.39 -13.80 8.05
C GLY B 296 14.27 -13.31 7.16
N ARG B 297 14.12 -11.99 7.06
CA ARG B 297 13.01 -11.44 6.31
C ARG B 297 13.45 -10.94 4.95
N HIS B 298 12.55 -10.20 4.31
CA HIS B 298 12.86 -9.50 3.07
C HIS B 298 11.84 -8.42 2.84
N GLU B 299 12.30 -7.25 2.40
CA GLU B 299 11.37 -6.24 1.95
C GLU B 299 10.88 -6.64 0.57
N ASP B 300 9.89 -7.51 0.54
CA ASP B 300 9.36 -8.03 -0.72
C ASP B 300 7.86 -8.25 -0.60
N ALA B 301 7.12 -7.76 -1.59
CA ALA B 301 5.68 -7.91 -1.64
C ALA B 301 5.24 -7.99 -3.08
N ASP B 302 3.97 -8.35 -3.30
CA ASP B 302 3.53 -8.83 -4.61
C ASP B 302 3.62 -7.79 -5.72
N LEU B 303 3.22 -6.56 -5.45
CA LEU B 303 3.17 -5.55 -6.51
C LEU B 303 4.09 -4.35 -6.28
N ARG B 304 4.56 -4.17 -5.05
CA ARG B 304 5.34 -3.00 -4.70
C ARG B 304 6.84 -3.28 -4.63
N GLY B 305 7.19 -4.55 -4.80
CA GLY B 305 8.58 -4.96 -4.66
C GLY B 305 9.06 -4.71 -3.24
N LYS B 306 10.07 -3.85 -3.12
CA LYS B 306 10.62 -3.52 -1.80
C LYS B 306 10.03 -2.23 -1.24
N GLY B 307 9.09 -1.64 -1.97
CA GLY B 307 8.41 -0.44 -1.52
C GLY B 307 7.71 -0.67 -0.20
N PHE B 308 7.78 0.31 0.69
CA PHE B 308 7.23 0.16 2.03
C PHE B 308 5.72 0.37 2.02
N ASP B 309 5.04 -0.35 2.91
CA ASP B 309 3.59 -0.22 3.06
C ASP B 309 3.18 -0.53 4.50
N ASN B 310 2.35 0.34 5.05
CA ASN B 310 1.90 0.20 6.44
C ASN B 310 1.09 -1.07 6.68
N VAL B 311 0.10 -1.30 5.83
CA VAL B 311 -0.75 -2.48 5.92
C VAL B 311 0.08 -3.76 6.01
N LEU B 312 1.05 -3.88 5.11
CA LEU B 312 1.94 -5.03 5.07
C LEU B 312 2.74 -5.18 6.37
N MSE B 313 3.09 -4.06 6.99
CA MSE B 313 3.91 -4.10 8.20
C MSE B 313 3.09 -4.55 9.40
O MSE B 313 3.61 -5.22 10.29
CB MSE B 313 4.54 -2.74 8.46
CG MSE B 313 5.59 -2.75 9.57
SE MSE B 313 6.21 -0.96 9.96
CE MSE B 313 4.47 -0.10 10.02
N VAL B 314 1.81 -4.18 9.44
CA VAL B 314 0.93 -4.58 10.53
C VAL B 314 0.63 -6.08 10.45
N HIS B 315 0.33 -6.55 9.24
CA HIS B 315 0.00 -7.96 9.01
C HIS B 315 1.20 -8.87 9.28
N ASP B 316 2.38 -8.45 8.85
CA ASP B 316 3.58 -9.27 8.99
C ASP B 316 3.99 -9.40 10.45
N HIS B 317 3.68 -8.38 11.25
CA HIS B 317 4.00 -8.40 12.67
C HIS B 317 2.96 -9.17 13.46
N ALA B 318 1.75 -9.25 12.92
CA ALA B 318 0.68 -10.02 13.54
C ALA B 318 0.96 -11.51 13.40
N LEU B 319 1.54 -11.91 12.27
CA LEU B 319 1.87 -13.30 12.03
C LEU B 319 3.06 -13.76 12.86
N MSE B 320 4.07 -12.91 12.97
CA MSE B 320 5.26 -13.24 13.75
C MSE B 320 4.92 -13.32 15.24
O MSE B 320 5.45 -14.19 15.95
CB MSE B 320 6.36 -12.20 13.52
CG MSE B 320 6.91 -12.21 12.10
SE MSE B 320 8.53 -11.14 11.89
CE MSE B 320 7.85 -9.42 12.50
N ASP B 321 4.06 -12.43 15.70
CA ASP B 321 3.56 -12.49 17.07
C ASP B 321 2.80 -13.78 17.30
N TRP B 322 1.94 -14.12 16.35
CA TRP B 322 1.14 -15.34 16.40
C TRP B 322 2.01 -16.58 16.41
N ILE B 323 3.06 -16.58 15.58
CA ILE B 323 3.89 -17.77 15.39
C ILE B 323 4.94 -17.92 16.49
N GLY B 324 5.17 -16.86 17.26
CA GLY B 324 6.06 -16.94 18.41
C GLY B 324 7.43 -16.33 18.21
N ALA B 325 7.66 -15.75 17.04
CA ALA B 325 8.94 -15.11 16.75
C ALA B 325 9.22 -13.97 17.72
N ASN B 326 10.36 -14.02 18.40
CA ASN B 326 10.74 -12.97 19.34
C ASN B 326 11.82 -12.07 18.76
N SER B 327 12.21 -12.34 17.53
CA SER B 327 13.31 -11.64 16.91
C SER B 327 13.33 -11.83 15.40
N TYR B 328 14.13 -11.02 14.71
CA TYR B 328 14.40 -11.24 13.30
C TYR B 328 15.65 -10.50 12.87
N ARG B 329 15.96 -10.59 11.58
CA ARG B 329 17.18 -10.02 11.01
C ARG B 329 16.89 -9.31 9.70
N THR B 330 17.33 -8.07 9.58
CA THR B 330 17.11 -7.28 8.36
C THR B 330 17.96 -7.82 7.23
N SER B 331 17.54 -8.96 6.69
CA SER B 331 18.32 -9.75 5.76
C SER B 331 18.81 -9.01 4.52
N HIS B 332 20.11 -8.72 4.47
CA HIS B 332 20.85 -8.37 3.24
C HIS B 332 20.72 -6.88 2.84
N TYR B 333 20.10 -6.11 3.72
CA TYR B 333 20.00 -4.66 3.57
C TYR B 333 19.27 -4.04 4.76
N PRO B 334 19.58 -2.77 5.08
CA PRO B 334 18.85 -2.04 6.12
C PRO B 334 17.37 -1.90 5.76
N TYR B 335 16.50 -2.24 6.71
CA TYR B 335 15.06 -2.14 6.48
C TYR B 335 14.55 -0.73 6.70
N ALA B 336 13.28 -0.51 6.40
CA ALA B 336 12.64 0.76 6.64
C ALA B 336 12.74 1.11 8.12
N GLU B 337 12.95 2.38 8.42
CA GLU B 337 13.17 2.85 9.78
C GLU B 337 11.95 2.61 10.66
N GLU B 338 10.77 2.60 10.03
CA GLU B 338 9.52 2.36 10.73
C GLU B 338 9.44 0.92 11.25
N MSE B 339 10.22 0.03 10.65
CA MSE B 339 10.26 -1.37 11.07
C MSE B 339 10.90 -1.51 12.44
O MSE B 339 10.50 -2.34 13.26
CB MSE B 339 11.03 -2.22 10.07
CG MSE B 339 10.35 -2.38 8.72
SE MSE B 339 8.97 -3.75 8.75
CE MSE B 339 10.07 -5.24 9.36
N LEU B 340 11.91 -0.68 12.69
CA LEU B 340 12.67 -0.72 13.92
C LEU B 340 11.94 0.01 15.04
N ASP B 341 11.14 1.01 14.65
CA ASP B 341 10.31 1.74 15.60
C ASP B 341 9.22 0.82 16.16
N TRP B 342 8.74 -0.09 15.31
CA TRP B 342 7.77 -1.08 15.74
C TRP B 342 8.43 -2.04 16.71
N ALA B 343 9.67 -2.44 16.40
CA ALA B 343 10.40 -3.40 17.21
C ALA B 343 10.75 -2.82 18.58
N ASP B 344 11.13 -1.55 18.61
CA ASP B 344 11.38 -0.85 19.87
C ASP B 344 10.16 -0.90 20.76
N GLU B 345 9.02 -0.66 20.14
CA GLU B 345 7.74 -0.52 20.83
C GLU B 345 7.20 -1.86 21.35
N HIS B 346 7.37 -2.93 20.57
CA HIS B 346 6.79 -4.23 20.92
C HIS B 346 7.84 -5.19 21.46
N GLY B 347 9.02 -4.67 21.77
CA GLY B 347 10.09 -5.46 22.34
C GLY B 347 10.53 -6.58 21.42
N ILE B 348 10.87 -6.24 20.18
CA ILE B 348 11.32 -7.23 19.22
C ILE B 348 12.81 -7.08 18.98
N VAL B 349 13.53 -8.18 19.17
CA VAL B 349 14.97 -8.20 19.01
C VAL B 349 15.35 -8.20 17.53
N VAL B 350 16.31 -7.36 17.14
CA VAL B 350 16.65 -7.23 15.74
C VAL B 350 18.15 -7.26 15.48
N ILE B 351 18.58 -8.16 14.61
CA ILE B 351 19.95 -8.17 14.12
C ILE B 351 20.02 -7.34 12.85
N ASP B 352 20.81 -6.28 12.90
CA ASP B 352 20.83 -5.30 11.82
C ASP B 352 21.90 -5.62 10.78
N GLU B 353 21.48 -5.83 9.54
CA GLU B 353 22.39 -6.23 8.48
C GLU B 353 22.67 -5.09 7.51
N THR B 354 23.90 -5.07 7.00
CA THR B 354 24.30 -4.13 5.97
C THR B 354 23.89 -4.72 4.62
N ALA B 355 24.01 -3.92 3.56
CA ALA B 355 23.68 -4.39 2.23
C ALA B 355 24.86 -5.13 1.62
N ALA B 356 25.78 -5.57 2.47
CA ALA B 356 27.00 -6.23 2.03
C ALA B 356 26.77 -7.71 1.77
N VAL B 357 26.17 -8.02 0.64
CA VAL B 357 25.93 -9.40 0.24
C VAL B 357 26.44 -9.61 -1.19
N GLY B 358 26.86 -10.83 -1.51
CA GLY B 358 27.35 -11.12 -2.84
C GLY B 358 28.86 -11.10 -2.99
N PHE B 359 29.57 -11.20 -1.87
CA PHE B 359 31.02 -11.32 -1.91
C PHE B 359 31.42 -12.76 -2.26
N ASN B 360 31.01 -13.21 -3.44
CA ASN B 360 31.24 -14.59 -3.85
C ASN B 360 31.42 -14.73 -5.36
N LEU B 361 32.13 -15.78 -5.77
CA LEU B 361 32.35 -16.07 -7.18
C LEU B 361 32.07 -17.52 -7.51
N SER B 362 31.90 -18.33 -6.48
CA SER B 362 31.90 -19.78 -6.58
C SER B 362 30.70 -20.33 -7.34
N LEU B 363 29.48 -19.90 -7.07
CA LEU B 363 28.30 -20.65 -7.61
C LEU B 363 27.71 -20.32 -9.00
N ASN B 371 33.29 -14.67 -18.21
CA ASN B 371 34.30 -13.64 -18.01
C ASN B 371 34.30 -13.12 -16.58
N LYS B 372 34.55 -14.02 -15.63
CA LYS B 372 34.60 -13.67 -14.21
C LYS B 372 36.03 -13.56 -13.70
N PRO B 373 36.26 -12.68 -12.71
CA PRO B 373 37.58 -12.51 -12.09
C PRO B 373 38.10 -13.79 -11.47
N LYS B 374 39.41 -13.98 -11.48
CA LYS B 374 40.02 -15.19 -10.94
C LYS B 374 40.30 -15.05 -9.45
N GLU B 375 40.52 -13.82 -9.00
CA GLU B 375 40.75 -13.54 -7.59
C GLU B 375 39.63 -12.65 -7.03
N LEU B 376 38.97 -13.15 -5.99
CA LEU B 376 37.85 -12.43 -5.38
C LEU B 376 38.29 -11.13 -4.71
N TYR B 377 39.45 -11.16 -4.07
CA TYR B 377 39.96 -9.97 -3.39
C TYR B 377 41.16 -9.42 -4.14
N SER B 378 40.88 -8.55 -5.11
CA SER B 378 41.90 -7.97 -5.97
C SER B 378 41.39 -6.70 -6.63
N GLU B 379 42.22 -6.06 -7.43
CA GLU B 379 41.88 -4.79 -8.05
C GLU B 379 40.81 -4.84 -9.08
N GLU B 380 40.79 -5.97 -9.78
CA GLU B 380 39.58 -6.48 -10.40
C GLU B 380 38.73 -6.99 -9.24
N ALA B 381 37.41 -6.98 -9.39
CA ALA B 381 36.52 -7.38 -8.30
C ALA B 381 36.67 -6.48 -7.07
N VAL B 382 36.83 -7.09 -5.90
CA VAL B 382 36.87 -6.33 -4.68
C VAL B 382 38.21 -5.68 -4.55
N ASN B 383 38.20 -4.41 -4.24
CA ASN B 383 39.43 -3.68 -3.97
C ASN B 383 39.32 -2.67 -2.84
N GLY B 384 40.26 -1.73 -2.80
CA GLY B 384 40.29 -0.71 -1.77
C GLY B 384 39.12 0.25 -1.83
N GLU B 385 38.64 0.53 -3.03
CA GLU B 385 37.47 1.38 -3.21
C GLU B 385 36.23 0.67 -2.68
N THR B 386 36.14 -0.61 -3.00
CA THR B 386 35.07 -1.47 -2.49
C THR B 386 35.09 -1.46 -0.96
N GLN B 387 36.28 -1.58 -0.40
CA GLN B 387 36.47 -1.54 1.05
C GLN B 387 36.00 -0.20 1.64
N GLN B 388 36.17 0.87 0.86
CA GLN B 388 35.77 2.19 1.29
C GLN B 388 34.27 2.36 1.26
N ALA B 389 33.64 1.85 0.20
CA ALA B 389 32.19 1.90 0.07
C ALA B 389 31.52 1.04 1.12
N HIS B 390 32.19 -0.06 1.47
CA HIS B 390 31.70 -0.95 2.52
C HIS B 390 31.79 -0.23 3.86
N LEU B 391 32.90 0.48 4.06
CA LEU B 391 33.10 1.26 5.27
C LEU B 391 32.06 2.36 5.39
N GLN B 392 31.79 3.03 4.28
CA GLN B 392 30.79 4.09 4.24
C GLN B 392 29.40 3.52 4.51
N ALA B 393 29.18 2.30 4.04
CA ALA B 393 27.89 1.62 4.22
C ALA B 393 27.71 1.23 5.69
N ILE B 394 28.78 0.77 6.32
CA ILE B 394 28.74 0.43 7.73
C ILE B 394 28.48 1.67 8.58
N LYS B 395 29.04 2.79 8.15
CA LYS B 395 28.83 4.06 8.83
C LYS B 395 27.36 4.49 8.85
N GLU B 396 26.79 4.65 7.66
CA GLU B 396 25.45 5.19 7.49
C GLU B 396 24.37 4.38 8.20
N LEU B 397 24.56 3.07 8.30
CA LEU B 397 23.61 2.22 9.00
C LEU B 397 23.65 2.51 10.50
N ILE B 398 24.86 2.66 11.03
CA ILE B 398 25.05 2.89 12.46
C ILE B 398 24.62 4.32 12.82
N ALA B 399 24.92 5.26 11.93
CA ALA B 399 24.54 6.65 12.14
C ALA B 399 23.02 6.79 12.22
N ARG B 400 22.32 5.80 11.69
CA ARG B 400 20.86 5.82 11.63
C ARG B 400 20.25 5.00 12.77
N ASP B 401 20.85 3.85 13.04
CA ASP B 401 20.27 2.87 13.96
C ASP B 401 20.93 2.75 15.34
N LYS B 402 21.91 3.60 15.63
CA LYS B 402 22.61 3.53 16.90
C LYS B 402 21.69 3.75 18.11
N ASN B 403 20.59 4.47 17.89
CA ASN B 403 19.70 4.83 18.99
C ASN B 403 18.48 3.93 19.13
N HIS B 404 18.40 2.87 18.31
CA HIS B 404 17.30 1.94 18.38
C HIS B 404 17.61 0.76 19.30
N PRO B 405 16.89 0.66 20.43
CA PRO B 405 17.04 -0.38 21.44
C PRO B 405 16.84 -1.80 20.88
N SER B 406 16.04 -1.91 19.82
CA SER B 406 15.74 -3.21 19.24
C SER B 406 16.98 -3.85 18.63
N VAL B 407 17.88 -3.02 18.12
CA VAL B 407 19.12 -3.52 17.54
C VAL B 407 20.05 -3.99 18.65
N VAL B 408 20.36 -5.28 18.66
CA VAL B 408 21.21 -5.85 19.70
C VAL B 408 22.48 -6.39 19.08
N MSE B 409 22.60 -6.21 17.77
CA MSE B 409 23.76 -6.72 17.04
C MSE B 409 23.94 -6.01 15.71
O MSE B 409 22.98 -5.55 15.10
CB MSE B 409 23.63 -8.22 16.82
CG MSE B 409 24.74 -9.04 17.46
SE MSE B 409 24.91 -10.81 16.67
CE MSE B 409 23.15 -11.52 17.12
N TRP B 410 25.18 -5.92 15.27
CA TRP B 410 25.48 -5.45 13.92
C TRP B 410 26.00 -6.60 13.08
N SER B 411 25.56 -6.67 11.83
CA SER B 411 26.04 -7.69 10.91
C SER B 411 26.73 -7.01 9.74
N ILE B 412 28.04 -7.23 9.64
CA ILE B 412 28.87 -6.49 8.71
C ILE B 412 28.63 -6.94 7.27
N ALA B 413 28.45 -8.24 7.08
CA ALA B 413 28.24 -8.79 5.74
C ALA B 413 27.49 -10.11 5.81
N ASN B 414 27.01 -10.57 4.65
CA ASN B 414 26.29 -11.83 4.58
C ASN B 414 26.93 -12.81 3.61
N GLU B 415 27.32 -13.97 4.13
CA GLU B 415 27.90 -15.06 3.35
C GLU B 415 29.02 -14.65 2.40
N PRO B 416 30.10 -14.05 2.91
CA PRO B 416 31.22 -13.81 2.00
C PRO B 416 32.14 -15.01 1.92
N ASP B 417 32.74 -15.26 0.77
CA ASP B 417 33.71 -16.34 0.64
C ASP B 417 35.02 -15.92 1.30
N THR B 418 35.40 -16.61 2.36
CA THR B 418 36.59 -16.26 3.12
C THR B 418 37.71 -17.28 2.87
N ARG B 419 37.66 -17.92 1.72
CA ARG B 419 38.66 -18.90 1.33
C ARG B 419 39.83 -18.30 0.52
N PRO B 420 39.55 -17.33 -0.38
CA PRO B 420 40.70 -16.66 -1.01
C PRO B 420 41.63 -15.97 -0.01
N GLN B 421 42.78 -15.52 -0.50
CA GLN B 421 43.84 -15.02 0.38
C GLN B 421 43.53 -13.67 1.00
N GLY B 422 43.01 -12.74 0.20
CA GLY B 422 42.77 -11.38 0.66
C GLY B 422 41.65 -11.25 1.66
N ALA B 423 40.95 -12.36 1.92
CA ALA B 423 39.76 -12.37 2.77
C ALA B 423 39.98 -11.78 4.16
N ARG B 424 41.04 -12.19 4.84
CA ARG B 424 41.25 -11.73 6.22
C ARG B 424 41.81 -10.30 6.23
N GLU B 425 42.58 -9.97 5.20
CA GLU B 425 43.15 -8.63 5.05
C GLU B 425 42.06 -7.58 4.84
N TYR B 426 40.95 -8.01 4.23
CA TYR B 426 39.85 -7.10 3.91
C TYR B 426 38.94 -6.83 5.11
N PHE B 427 38.68 -7.87 5.91
CA PHE B 427 37.65 -7.79 6.94
C PHE B 427 38.18 -7.26 8.28
N ALA B 428 39.48 -7.39 8.51
CA ALA B 428 40.08 -6.94 9.77
C ALA B 428 39.92 -5.43 10.03
N PRO B 429 40.19 -4.56 9.03
CA PRO B 429 39.95 -3.14 9.31
C PRO B 429 38.49 -2.82 9.59
N LEU B 430 37.59 -3.43 8.83
CA LEU B 430 36.16 -3.18 8.95
C LEU B 430 35.61 -3.59 10.31
N ALA B 431 36.00 -4.78 10.76
CA ALA B 431 35.56 -5.29 12.06
C ALA B 431 36.09 -4.44 13.21
N GLU B 432 37.28 -3.88 13.00
CA GLU B 432 37.89 -3.01 14.01
C GLU B 432 37.21 -1.64 14.01
N ALA B 433 37.01 -1.08 12.82
CA ALA B 433 36.40 0.24 12.68
C ALA B 433 34.96 0.27 13.17
N THR B 434 34.27 -0.86 13.05
CA THR B 434 32.86 -0.95 13.46
C THR B 434 32.74 -0.85 14.97
N ARG B 435 33.60 -1.57 15.68
CA ARG B 435 33.61 -1.58 17.14
C ARG B 435 34.03 -0.20 17.66
N LYS B 436 34.68 0.58 16.79
CA LYS B 436 35.05 1.94 17.13
C LYS B 436 33.84 2.86 16.99
N LEU B 437 32.95 2.50 16.07
CA LEU B 437 31.75 3.29 15.80
C LEU B 437 30.65 3.02 16.80
N ASP B 438 30.64 1.82 17.38
CA ASP B 438 29.65 1.46 18.39
C ASP B 438 30.11 0.34 19.31
N PRO B 439 30.59 0.70 20.50
CA PRO B 439 31.03 -0.28 21.52
C PRO B 439 29.86 -0.92 22.25
N THR B 440 28.65 -0.43 21.99
CA THR B 440 27.47 -0.87 22.72
C THR B 440 27.02 -2.26 22.30
N ARG B 441 27.04 -2.52 20.99
CA ARG B 441 26.48 -3.75 20.46
C ARG B 441 27.57 -4.65 19.87
N PRO B 442 27.47 -5.96 20.10
CA PRO B 442 28.36 -6.94 19.48
C PRO B 442 28.20 -6.95 17.96
N ILE B 443 29.25 -7.32 17.24
CA ILE B 443 29.17 -7.39 15.78
C ILE B 443 29.39 -8.82 15.29
N THR B 444 28.79 -9.14 14.16
CA THR B 444 28.90 -10.49 13.61
C THR B 444 29.04 -10.47 12.09
N CYS B 445 29.40 -11.62 11.54
CA CYS B 445 29.47 -11.80 10.09
C CYS B 445 28.91 -13.16 9.74
N VAL B 446 27.93 -13.19 8.85
CA VAL B 446 27.20 -14.40 8.54
C VAL B 446 27.99 -15.34 7.65
N ASN B 447 28.12 -16.60 8.09
CA ASN B 447 29.02 -17.56 7.48
C ASN B 447 28.34 -18.52 6.49
N VAL B 448 28.89 -18.59 5.29
CA VAL B 448 28.37 -19.44 4.22
C VAL B 448 28.74 -20.91 4.45
N MSE B 449 28.01 -21.81 3.79
CA MSE B 449 28.16 -23.25 3.97
C MSE B 449 29.59 -23.76 3.83
O MSE B 449 30.23 -24.12 4.82
CB MSE B 449 27.28 -24.01 2.98
CG MSE B 449 25.83 -24.14 3.39
SE MSE B 449 25.12 -25.89 2.89
CE MSE B 449 25.50 -26.84 4.54
N PHE B 450 30.08 -23.80 2.60
CA PHE B 450 31.40 -24.37 2.29
C PHE B 450 32.60 -23.72 2.98
N CYS B 451 32.34 -22.75 3.86
CA CYS B 451 33.36 -22.21 4.74
C CYS B 451 33.17 -22.76 6.14
N ASP B 452 33.65 -23.98 6.38
CA ASP B 452 33.37 -24.67 7.64
C ASP B 452 34.35 -24.30 8.76
N ALA B 453 34.35 -25.12 9.80
CA ALA B 453 35.14 -24.84 11.00
C ALA B 453 36.63 -24.96 10.76
N HIS B 454 37.02 -25.64 9.68
CA HIS B 454 38.43 -25.87 9.40
C HIS B 454 38.93 -25.03 8.23
N THR B 455 38.04 -24.25 7.64
CA THR B 455 38.38 -23.51 6.43
C THR B 455 38.20 -22.00 6.56
N ASP B 456 37.22 -21.57 7.34
CA ASP B 456 36.93 -20.14 7.48
C ASP B 456 38.10 -19.42 8.15
N THR B 457 38.37 -18.20 7.71
CA THR B 457 39.54 -17.46 8.18
C THR B 457 39.23 -16.16 8.90
N ILE B 458 37.96 -15.89 9.16
CA ILE B 458 37.57 -14.58 9.70
C ILE B 458 36.64 -14.63 10.92
N SER B 459 36.21 -15.82 11.30
CA SER B 459 35.18 -15.96 12.34
C SER B 459 35.66 -15.56 13.74
N ASP B 460 36.97 -15.34 13.89
CA ASP B 460 37.53 -14.96 15.18
C ASP B 460 37.40 -13.46 15.47
N LEU B 461 37.22 -12.66 14.42
CA LEU B 461 37.15 -11.21 14.56
C LEU B 461 35.80 -10.69 15.02
N PHE B 462 34.85 -11.59 15.25
CA PHE B 462 33.50 -11.18 15.62
C PHE B 462 33.03 -11.85 16.91
N ASP B 463 31.98 -11.28 17.51
CA ASP B 463 31.53 -11.68 18.83
C ASP B 463 30.60 -12.89 18.82
N VAL B 464 29.69 -12.92 17.83
CA VAL B 464 28.72 -14.00 17.74
C VAL B 464 28.83 -14.74 16.41
N LEU B 465 28.78 -16.06 16.46
CA LEU B 465 28.89 -16.87 15.26
C LEU B 465 27.52 -17.11 14.63
N CYS B 466 27.34 -16.57 13.42
CA CYS B 466 26.07 -16.72 12.71
C CYS B 466 26.25 -17.64 11.49
N LEU B 467 25.56 -18.76 11.48
CA LEU B 467 25.73 -19.78 10.45
C LEU B 467 24.52 -19.95 9.53
N ASN B 468 24.79 -20.06 8.23
CA ASN B 468 23.76 -20.38 7.26
C ASN B 468 23.91 -21.82 6.78
N ARG B 469 23.02 -22.68 7.22
CA ARG B 469 23.16 -24.11 6.94
C ARG B 469 22.01 -24.70 6.15
N TYR B 470 22.34 -25.66 5.29
CA TYR B 470 21.35 -26.30 4.43
C TYR B 470 21.68 -27.77 4.21
N TYR B 471 22.11 -28.45 5.27
CA TYR B 471 22.38 -29.88 5.17
C TYR B 471 21.09 -30.65 4.95
N GLY B 472 21.07 -31.49 3.94
CA GLY B 472 19.88 -32.24 3.59
C GLY B 472 19.14 -31.62 2.43
N TRP B 473 19.62 -30.48 1.96
CA TRP B 473 19.04 -29.83 0.79
C TRP B 473 20.05 -29.73 -0.35
N TYR B 474 20.98 -28.78 -0.24
CA TYR B 474 22.01 -28.61 -1.26
C TYR B 474 22.99 -29.77 -1.22
N VAL B 475 23.25 -30.27 -0.04
CA VAL B 475 24.06 -31.42 0.11
C VAL B 475 23.29 -32.48 0.87
N GLN B 476 23.59 -33.73 0.62
CA GLN B 476 22.93 -34.81 1.32
C GLN B 476 21.50 -34.77 0.97
N SER B 477 21.22 -34.35 -0.25
CA SER B 477 19.92 -33.93 -0.62
C SER B 477 19.03 -35.08 -0.42
N GLY B 478 18.05 -34.87 0.41
CA GLY B 478 17.05 -35.85 0.70
C GLY B 478 17.34 -36.79 1.84
N ASP B 479 18.52 -36.75 2.41
CA ASP B 479 18.88 -37.70 3.44
C ASP B 479 18.90 -36.98 4.75
N LEU B 480 17.90 -37.29 5.56
CA LEU B 480 17.73 -36.70 6.87
C LEU B 480 18.66 -37.37 7.88
N GLU B 481 18.94 -38.64 7.64
CA GLU B 481 19.78 -39.44 8.54
C GLU B 481 21.22 -38.92 8.56
N THR B 482 21.76 -38.69 7.37
CA THR B 482 23.13 -38.21 7.22
C THR B 482 23.29 -36.73 7.57
N ALA B 483 22.27 -35.95 7.23
CA ALA B 483 22.31 -34.51 7.48
C ALA B 483 22.38 -34.19 8.96
N GLU B 484 21.70 -35.00 9.78
CA GLU B 484 21.72 -34.82 11.23
C GLU B 484 23.12 -35.06 11.77
N LYS B 485 23.80 -36.05 11.22
CA LYS B 485 25.15 -36.39 11.65
C LYS B 485 26.13 -35.28 11.28
N VAL B 486 26.02 -34.79 10.06
CA VAL B 486 26.94 -33.77 9.55
C VAL B 486 26.77 -32.45 10.28
N LEU B 487 25.51 -32.05 10.48
CA LEU B 487 25.20 -30.79 11.14
C LEU B 487 25.76 -30.71 12.56
N GLU B 488 25.48 -31.74 13.37
CA GLU B 488 25.94 -31.75 14.75
C GLU B 488 27.46 -31.71 14.83
N LYS B 489 28.12 -32.55 14.03
CA LYS B 489 29.57 -32.61 14.03
C LYS B 489 30.15 -31.28 13.58
N GLU B 490 29.45 -30.59 12.69
CA GLU B 490 29.88 -29.30 12.20
C GLU B 490 29.66 -28.22 13.26
N LEU B 491 28.56 -28.32 13.99
CA LEU B 491 28.26 -27.37 15.06
C LEU B 491 29.21 -27.56 16.23
N LEU B 492 29.52 -28.82 16.53
CA LEU B 492 30.43 -29.14 17.63
C LEU B 492 31.84 -28.68 17.30
N ALA B 493 32.21 -28.80 16.03
CA ALA B 493 33.51 -28.34 15.56
C ALA B 493 33.65 -26.83 15.75
N TRP B 494 32.60 -26.09 15.43
CA TRP B 494 32.58 -24.64 15.62
C TRP B 494 32.66 -24.29 17.10
N GLN B 495 32.03 -25.11 17.92
CA GLN B 495 32.02 -24.90 19.37
C GLN B 495 33.43 -25.08 19.94
N GLU B 496 34.07 -26.18 19.60
CA GLU B 496 35.40 -26.51 20.11
C GLU B 496 36.47 -25.54 19.60
N LYS B 497 36.13 -24.71 18.63
CA LYS B 497 37.09 -23.78 18.05
C LYS B 497 37.03 -22.39 18.67
N LEU B 498 35.85 -21.77 18.63
CA LEU B 498 35.72 -20.38 19.05
C LEU B 498 35.08 -20.20 20.42
N HIS B 499 34.29 -21.20 20.83
CA HIS B 499 33.50 -21.12 22.06
C HIS B 499 32.71 -19.83 22.14
N GLN B 500 32.17 -19.40 21.00
CA GLN B 500 31.33 -18.22 20.91
C GLN B 500 29.86 -18.62 20.95
N PRO B 501 28.96 -17.65 21.16
CA PRO B 501 27.54 -17.99 20.99
C PRO B 501 27.21 -18.26 19.53
N ILE B 502 26.45 -19.33 19.28
CA ILE B 502 26.11 -19.68 17.91
C ILE B 502 24.63 -19.47 17.60
N ILE B 503 24.35 -18.64 16.61
CA ILE B 503 22.99 -18.47 16.12
C ILE B 503 22.90 -18.98 14.69
N ILE B 504 21.94 -19.87 14.44
CA ILE B 504 21.69 -20.33 13.08
C ILE B 504 20.77 -19.34 12.39
N THR B 505 21.37 -18.48 11.56
CA THR B 505 20.66 -17.34 10.99
C THR B 505 19.96 -17.64 9.67
N GLU B 506 20.23 -18.80 9.10
CA GLU B 506 19.55 -19.25 7.89
C GLU B 506 19.47 -20.76 7.84
N TYR B 507 18.25 -21.29 7.97
CA TYR B 507 18.01 -22.69 7.71
C TYR B 507 16.58 -22.89 7.21
N GLY B 508 16.46 -23.56 6.07
CA GLY B 508 15.16 -23.77 5.44
C GLY B 508 15.30 -24.47 4.11
N VAL B 509 14.18 -25.00 3.62
CA VAL B 509 14.18 -25.70 2.34
C VAL B 509 13.07 -25.17 1.44
N ASP B 510 13.25 -25.29 0.14
CA ASP B 510 12.22 -24.88 -0.80
C ASP B 510 11.01 -25.78 -0.68
N THR B 511 9.85 -25.14 -0.53
CA THR B 511 8.60 -25.86 -0.34
C THR B 511 7.50 -25.26 -1.19
N LEU B 512 6.97 -26.06 -2.11
CA LEU B 512 5.84 -25.64 -2.91
C LEU B 512 4.55 -25.83 -2.12
N ALA B 513 3.84 -24.75 -1.88
CA ALA B 513 2.56 -24.82 -1.19
C ALA B 513 1.58 -25.66 -1.99
N GLY B 514 0.96 -26.63 -1.32
CA GLY B 514 0.01 -27.50 -1.98
C GLY B 514 0.60 -28.80 -2.46
N LEU B 515 1.92 -28.89 -2.45
CA LEU B 515 2.58 -30.13 -2.82
C LEU B 515 2.68 -31.03 -1.60
N HIS B 516 1.95 -32.15 -1.65
CA HIS B 516 1.93 -33.10 -0.55
C HIS B 516 2.50 -34.43 -1.00
N SER B 517 3.17 -35.12 -0.09
CA SER B 517 3.83 -36.38 -0.43
C SER B 517 3.75 -37.39 0.71
N MSE B 518 3.44 -38.63 0.36
CA MSE B 518 3.41 -39.72 1.34
C MSE B 518 4.81 -40.25 1.61
O MSE B 518 5.03 -40.98 2.57
CB MSE B 518 2.51 -40.85 0.87
CG MSE B 518 1.04 -40.66 1.19
SE MSE B 518 0.75 -40.40 3.11
CE MSE B 518 1.83 -41.87 3.79
N TYR B 519 5.75 -39.88 0.75
CA TYR B 519 7.12 -40.38 0.84
C TYR B 519 8.05 -39.37 1.50
N THR B 520 7.49 -38.21 1.84
CA THR B 520 8.23 -37.13 2.48
C THR B 520 9.53 -36.83 1.74
N ASP B 521 9.40 -36.40 0.49
CA ASP B 521 10.56 -36.07 -0.33
C ASP B 521 10.64 -34.56 -0.54
N MSE B 522 11.73 -34.12 -1.16
CA MSE B 522 12.02 -32.70 -1.32
C MSE B 522 10.92 -31.92 -2.04
O MSE B 522 10.14 -32.50 -2.79
CB MSE B 522 13.35 -32.54 -2.05
CG MSE B 522 14.55 -33.04 -1.25
SE MSE B 522 16.21 -33.16 -2.27
CE MSE B 522 16.23 -31.37 -3.04
N TRP B 523 10.87 -30.62 -1.77
CA TRP B 523 9.88 -29.69 -2.32
C TRP B 523 8.46 -29.89 -1.77
N SER B 524 8.30 -30.86 -0.88
CA SER B 524 6.99 -31.13 -0.28
C SER B 524 6.85 -30.49 1.10
N GLU B 525 5.62 -30.13 1.46
CA GLU B 525 5.35 -29.54 2.77
C GLU B 525 5.71 -30.49 3.90
N GLU B 526 5.60 -31.79 3.63
CA GLU B 526 5.95 -32.81 4.61
C GLU B 526 7.43 -32.74 4.92
N TYR B 527 8.23 -32.58 3.87
CA TYR B 527 9.69 -32.51 4.00
C TYR B 527 10.11 -31.31 4.84
N GLN B 528 9.56 -30.14 4.54
CA GLN B 528 9.85 -28.92 5.29
C GLN B 528 9.63 -29.12 6.78
N CYS B 529 8.50 -29.73 7.12
CA CYS B 529 8.18 -30.00 8.52
C CYS B 529 9.19 -30.98 9.12
N ALA B 530 9.44 -32.07 8.40
CA ALA B 530 10.39 -33.10 8.84
C ALA B 530 11.82 -32.56 8.91
N TRP B 531 12.17 -31.71 7.95
CA TRP B 531 13.53 -31.17 7.85
C TRP B 531 13.81 -30.19 8.98
N LEU B 532 12.86 -29.30 9.24
CA LEU B 532 12.96 -28.36 10.35
C LEU B 532 13.00 -29.10 11.68
N ASP B 533 12.26 -30.19 11.76
CA ASP B 533 12.19 -31.00 12.98
C ASP B 533 13.55 -31.59 13.33
N MSE B 534 14.27 -32.05 12.31
CA MSE B 534 15.60 -32.64 12.51
C MSE B 534 16.61 -31.60 12.99
O MSE B 534 17.42 -31.88 13.87
CB MSE B 534 16.08 -33.29 11.20
CG MSE B 534 17.51 -33.79 11.25
SE MSE B 534 18.78 -32.55 10.46
CE MSE B 534 18.07 -32.53 8.64
N TYR B 535 16.54 -30.41 12.41
CA TYR B 535 17.39 -29.30 12.82
C TYR B 535 17.15 -28.91 14.26
N HIS B 536 15.89 -28.92 14.68
CA HIS B 536 15.52 -28.54 16.04
C HIS B 536 16.13 -29.48 17.06
N ARG B 537 16.12 -30.77 16.75
CA ARG B 537 16.69 -31.78 17.63
C ARG B 537 18.20 -31.61 17.79
N VAL B 538 18.85 -31.21 16.70
CA VAL B 538 20.30 -31.00 16.72
C VAL B 538 20.62 -29.77 17.56
N PHE B 539 19.81 -28.72 17.38
CA PHE B 539 20.01 -27.46 18.11
C PHE B 539 19.93 -27.65 19.61
N ASP B 540 18.97 -28.48 20.04
CA ASP B 540 18.72 -28.69 21.47
C ASP B 540 19.76 -29.61 22.12
N ARG B 541 20.63 -30.20 21.30
CA ARG B 541 21.68 -31.07 21.82
C ARG B 541 23.01 -30.34 21.92
N VAL B 542 23.03 -29.09 21.46
CA VAL B 542 24.24 -28.27 21.50
C VAL B 542 24.03 -27.03 22.36
N SER B 543 24.83 -26.91 23.40
CA SER B 543 24.68 -25.81 24.36
C SER B 543 25.05 -24.46 23.76
N ALA B 544 26.04 -24.45 22.87
CA ALA B 544 26.53 -23.21 22.30
C ALA B 544 25.54 -22.56 21.34
N VAL B 545 24.52 -23.32 20.93
CA VAL B 545 23.49 -22.78 20.06
C VAL B 545 22.48 -21.96 20.87
N VAL B 546 22.40 -20.68 20.57
CA VAL B 546 21.56 -19.77 21.34
C VAL B 546 20.60 -18.98 20.45
N GLY B 547 20.38 -19.46 19.23
CA GLY B 547 19.49 -18.77 18.32
C GLY B 547 19.10 -19.58 17.10
N GLU B 548 17.86 -19.41 16.67
CA GLU B 548 17.35 -20.05 15.46
C GLU B 548 16.45 -19.10 14.68
N GLN B 549 16.88 -18.77 13.46
CA GLN B 549 16.11 -17.90 12.60
C GLN B 549 15.87 -18.57 11.25
N VAL B 550 14.61 -18.97 11.02
CA VAL B 550 14.24 -19.73 9.84
C VAL B 550 14.35 -18.88 8.57
N TRP B 551 14.85 -19.51 7.51
CA TRP B 551 14.86 -18.91 6.19
C TRP B 551 13.87 -19.64 5.29
N ASN B 552 12.83 -18.96 4.82
CA ASN B 552 12.63 -17.54 5.05
C ASN B 552 11.23 -17.30 5.63
N PHE B 553 10.93 -16.06 6.00
CA PHE B 553 9.59 -15.68 6.45
C PHE B 553 8.54 -15.96 5.37
N ALA B 554 8.71 -15.31 4.22
CA ALA B 554 7.78 -15.47 3.11
C ALA B 554 8.54 -15.69 1.80
N ASP B 555 7.88 -16.35 0.85
CA ASP B 555 8.45 -16.51 -0.49
C ASP B 555 8.69 -15.15 -1.12
N PHE B 556 9.87 -14.95 -1.68
CA PHE B 556 10.22 -13.67 -2.29
C PHE B 556 10.75 -13.86 -3.71
N ALA B 557 10.88 -12.75 -4.43
CA ALA B 557 11.29 -12.79 -5.83
C ALA B 557 12.81 -12.86 -5.96
N THR B 558 13.26 -13.48 -7.04
CA THR B 558 14.69 -13.61 -7.34
C THR B 558 14.92 -13.35 -8.82
N SER B 559 16.19 -13.41 -9.24
CA SER B 559 16.49 -13.36 -10.65
C SER B 559 16.15 -14.72 -11.28
N GLN B 560 15.94 -14.75 -12.59
CA GLN B 560 15.51 -15.97 -13.25
C GLN B 560 16.60 -17.02 -13.23
N GLY B 561 16.21 -18.26 -12.93
CA GLY B 561 17.17 -19.36 -12.91
C GLY B 561 16.52 -20.72 -12.78
N ILE B 562 17.33 -21.75 -12.99
CA ILE B 562 16.83 -23.13 -12.93
C ILE B 562 16.73 -23.60 -11.48
N LEU B 563 17.26 -22.80 -10.56
CA LEU B 563 17.22 -23.14 -9.14
C LEU B 563 16.07 -22.44 -8.43
N ARG B 564 15.42 -21.50 -9.11
CA ARG B 564 14.36 -20.72 -8.50
C ARG B 564 13.05 -20.79 -9.28
N VAL B 565 12.07 -21.47 -8.69
CA VAL B 565 10.77 -21.65 -9.31
C VAL B 565 9.85 -20.47 -9.06
N GLY B 566 10.01 -19.42 -9.86
CA GLY B 566 9.21 -18.21 -9.69
C GLY B 566 9.57 -17.49 -8.43
N GLY B 567 10.85 -17.56 -8.06
CA GLY B 567 11.33 -16.91 -6.85
C GLY B 567 11.82 -17.93 -5.85
N ASN B 568 12.19 -17.47 -4.66
CA ASN B 568 12.66 -18.36 -3.61
C ASN B 568 11.48 -18.92 -2.83
N LYS B 569 11.39 -20.24 -2.77
CA LYS B 569 10.23 -20.90 -2.15
C LYS B 569 10.56 -21.50 -0.79
N LYS B 570 11.54 -20.92 -0.10
CA LYS B 570 11.93 -21.39 1.23
C LYS B 570 11.13 -20.69 2.32
N GLY B 571 10.09 -19.96 1.92
CA GLY B 571 9.30 -19.21 2.88
C GLY B 571 8.42 -20.11 3.74
N ILE B 572 8.11 -19.66 4.94
CA ILE B 572 7.16 -20.35 5.80
C ILE B 572 5.74 -19.98 5.37
N PHE B 573 5.59 -18.73 4.95
CA PHE B 573 4.35 -18.24 4.37
C PHE B 573 4.55 -18.03 2.87
N THR B 574 3.47 -18.05 2.11
CA THR B 574 3.55 -17.73 0.68
C THR B 574 3.75 -16.23 0.52
N ARG B 575 3.88 -15.76 -0.71
CA ARG B 575 4.13 -14.34 -0.93
C ARG B 575 2.91 -13.49 -0.59
N ASP B 576 1.73 -14.10 -0.65
CA ASP B 576 0.51 -13.42 -0.23
C ASP B 576 0.18 -13.75 1.22
N ARG B 577 1.18 -14.25 1.93
CA ARG B 577 1.14 -14.43 3.38
C ARG B 577 0.19 -15.54 3.84
N LYS B 578 0.06 -16.59 3.04
CA LYS B 578 -0.69 -17.77 3.45
C LYS B 578 0.27 -18.80 4.03
N PRO B 579 -0.13 -19.44 5.15
CA PRO B 579 0.78 -20.30 5.91
C PRO B 579 0.91 -21.72 5.35
N LYS B 580 2.15 -22.20 5.23
CA LYS B 580 2.38 -23.58 4.88
C LYS B 580 2.33 -24.40 6.16
N SER B 581 2.18 -25.72 6.03
CA SER B 581 2.09 -26.62 7.18
C SER B 581 3.18 -26.39 8.23
N ALA B 582 4.36 -25.96 7.79
CA ALA B 582 5.48 -25.72 8.69
C ALA B 582 5.24 -24.56 9.64
N ALA B 583 4.35 -23.66 9.26
CA ALA B 583 4.01 -22.50 10.09
C ALA B 583 3.40 -22.94 11.41
N PHE B 584 2.60 -24.00 11.36
CA PHE B 584 1.94 -24.51 12.55
C PHE B 584 2.91 -25.34 13.39
N LEU B 585 3.90 -25.92 12.73
CA LEU B 585 4.97 -26.64 13.42
C LEU B 585 5.82 -25.66 14.22
N LEU B 586 6.17 -24.55 13.58
CA LEU B 586 6.99 -23.53 14.21
C LEU B 586 6.20 -22.83 15.31
N GLN B 587 4.89 -22.77 15.12
CA GLN B 587 3.98 -22.17 16.09
C GLN B 587 3.88 -22.99 17.36
N LYS B 588 3.92 -24.31 17.23
CA LYS B 588 3.85 -25.21 18.37
C LYS B 588 5.12 -25.13 19.20
N ARG B 589 6.25 -25.01 18.52
CA ARG B 589 7.56 -25.00 19.16
C ARG B 589 7.88 -23.66 19.84
N TRP B 590 7.69 -22.57 19.10
CA TRP B 590 8.11 -21.26 19.57
C TRP B 590 7.24 -20.73 20.71
N THR B 591 5.95 -21.09 20.70
CA THR B 591 5.05 -20.68 21.77
C THR B 591 5.01 -21.71 22.89
N GLY B 592 5.56 -22.90 22.61
CA GLY B 592 5.57 -23.97 23.59
C GLY B 592 6.75 -23.92 24.53
N MSE B 593 7.70 -23.04 24.24
CA MSE B 593 8.87 -22.87 25.08
C MSE B 593 8.73 -21.64 25.97
O MSE B 593 8.00 -20.71 25.63
CB MSE B 593 10.14 -22.76 24.23
CG MSE B 593 10.16 -21.55 23.30
SE MSE B 593 11.81 -21.38 22.27
CE MSE B 593 11.83 -23.14 21.45
N ASN B 594 9.43 -21.64 27.10
CA ASN B 594 9.50 -20.46 27.94
C ASN B 594 10.15 -19.33 27.15
N PHE B 595 9.57 -18.14 27.25
CA PHE B 595 10.00 -17.02 26.43
C PHE B 595 11.49 -16.72 26.61
N GLY B 596 12.21 -16.63 25.49
CA GLY B 596 13.62 -16.30 25.52
C GLY B 596 14.52 -17.41 26.05
N GLU B 597 13.91 -18.43 26.63
CA GLU B 597 14.64 -19.49 27.31
C GLU B 597 14.83 -20.73 26.45
N LYS B 598 16.09 -21.15 26.27
CA LYS B 598 16.43 -22.33 25.48
C LYS B 598 15.86 -23.64 26.05
N PRO B 599 15.43 -24.54 25.16
CA PRO B 599 14.99 -25.93 25.38
C PRO B 599 16.08 -26.81 26.02
N GLN B 600 15.63 -27.62 26.93
CA GLN B 600 16.45 -28.41 27.80
C GLN B 600 16.97 -29.50 26.92
N GLN B 601 18.09 -30.11 27.30
CA GLN B 601 18.89 -30.86 26.36
C GLN B 601 18.21 -32.18 26.19
N GLY B 602 17.18 -32.13 25.37
CA GLY B 602 16.17 -33.16 25.32
C GLY B 602 15.00 -32.83 26.23
N GLY B 603 14.34 -31.72 25.96
CA GLY B 603 13.19 -31.28 26.73
C GLY B 603 12.55 -30.03 26.16
CAB 1KV C . -25.99 -17.59 -7.17
OAS 1KV C . -27.27 -18.18 -7.15
CBB 1KV C . -27.61 -18.88 -8.33
CAH 1KV C . -27.74 -20.37 -7.94
CAG 1KV C . -28.32 -21.30 -8.99
CAZ 1KV C . -29.67 -20.70 -9.38
OAR 1KV C . -30.20 -21.44 -10.47
CAA 1KV C . -31.54 -21.10 -10.82
CAO 1KV C . -29.51 -19.25 -9.91
CBA 1KV C . -28.93 -18.27 -8.89
NAQ 1KV C . -28.61 -16.92 -9.39
C 1KV C . -29.15 -16.08 -10.34
O 1KV C . -30.18 -16.50 -10.97
CA 1KV C . -28.63 -14.73 -10.66
N 1KV C . -27.57 -14.22 -9.60
CAK 1KV C . -27.97 -12.91 -8.82
CAM 1KV C . -27.05 -12.64 -7.69
CAJ 1KV C . -26.15 -14.06 -10.17
CAL 1KV C . -25.17 -13.95 -9.05
NBD 1KV C . -25.50 -12.68 -8.11
CAP 1KV C . -24.49 -12.43 -6.88
CAW 1KV C . -24.36 -13.48 -5.77
CAF 1KV C . -24.72 -13.20 -4.42
CAY 1KV C . -24.57 -14.17 -3.44
OAU 1KV C . -24.86 -14.13 -2.09
CAI 1KV C . -24.74 -15.48 -1.57
OAT 1KV C . -24.02 -16.20 -2.58
CAX 1KV C . -24.06 -15.45 -3.72
CAE 1KV C . -23.69 -15.75 -5.02
CAD 1KV C . -23.85 -14.74 -6.02
CAB 1KV D . 24.12 -22.45 -5.67
OAS 1KV D . 23.46 -22.98 -4.54
CBB 1KV D . 23.84 -24.29 -4.16
CAH 1KV D . 23.76 -25.20 -5.40
CAG 1KV D . 24.17 -26.65 -5.19
CAZ 1KV D . 25.60 -26.66 -4.60
OAR 1KV D . 25.88 -27.96 -4.09
CAA 1KV D . 25.22 -29.05 -4.71
CAO 1KV D . 25.75 -25.70 -3.37
CBA 1KV D . 25.30 -24.25 -3.61
NAQ 1KV D . 25.34 -23.33 -2.44
C 1KV D . 25.53 -23.47 -1.08
O 1KV D . 25.76 -24.64 -0.60
CA 1KV D . 25.49 -22.33 -0.11
N 1KV D . 24.61 -21.13 -0.64
CAK 1KV D . 25.32 -19.72 -0.64
CAM 1KV D . 24.51 -18.72 -1.40
CAJ 1KV D . 23.20 -21.03 0.02
CAL 1KV D . 22.34 -20.16 -0.84
NBD 1KV D . 22.95 -18.68 -1.00
CAP 1KV D . 22.08 -17.64 -1.85
CAW 1KV D . 21.80 -17.91 -3.33
CAF 1KV D . 22.29 -17.06 -4.36
CAY 1KV D . 22.00 -17.33 -5.70
OAU 1KV D . 22.37 -16.65 -6.84
CAI 1KV D . 22.01 -17.47 -7.98
OAT 1KV D . 21.10 -18.46 -7.44
CAX 1KV D . 21.22 -18.42 -6.09
CAE 1KV D . 20.73 -19.27 -5.12
CAD 1KV D . 21.02 -18.99 -3.75
#